data_5IU6
#
_entry.id   5IU6
#
_cell.length_a   120.370
_cell.length_b   120.370
_cell.length_c   238.971
_cell.angle_alpha   90.00
_cell.angle_beta   90.00
_cell.angle_gamma   120.00
#
_symmetry.space_group_name_H-M   'P 61 2 2'
#
loop_
_entity.id
_entity.type
_entity.pdbx_description
1 polymer 'Purine nucleoside phosphorylase DeoD-type'
2 non-polymer 7H-pyrrolo[2,3-d]pyrimidin-4-ol
3 non-polymer 'SULFATE ION'
4 water water
#
_entity_poly.entity_id   1
_entity_poly.type   'polypeptide(L)'
_entity_poly.pdbx_seq_one_letter_code
;ATPHINAEMGDFADVVLMPGDPLRAKYIAETFLEDAREVNNVRGMLGFTGTYKGRKISVMGHGMGIPSCSIYTKELITDF
GVKKIIRVGSCGAVLPHVKLRDVVIGMGACTDSKVNRIRFKDHDFAAIADFDMVRNAVDAAKALGIDARVGNLFSADLFY
SPDGEMFDVMEKYGILGVEMEAAGIYGVAAEFGAKALTICTVSDHIRTHEQTTAAERQTTFNDMIKIALESVLLGDK
;
_entity_poly.pdbx_strand_id   A,B,C
#
loop_
_chem_comp.id
_chem_comp.type
_chem_comp.name
_chem_comp.formula
7HX non-polymer 7H-pyrrolo[2,3-d]pyrimidin-4-ol 'C6 H5 N3 O'
SO4 non-polymer 'SULFATE ION' 'O4 S -2'
#
# COMPACT_ATOMS: atom_id res chain seq x y z
N ALA A 1 26.87 -28.85 1.92
CA ALA A 1 27.18 -27.40 1.69
C ALA A 1 25.96 -26.69 1.12
N THR A 2 25.89 -25.40 1.38
CA THR A 2 24.87 -24.55 0.82
C THR A 2 25.63 -23.44 0.12
N PRO A 3 24.94 -22.60 -0.67
CA PRO A 3 25.68 -21.63 -1.47
C PRO A 3 26.52 -20.63 -0.66
N HIS A 4 26.14 -20.40 0.60
CA HIS A 4 26.82 -19.44 1.47
C HIS A 4 27.51 -20.05 2.69
N ILE A 5 27.38 -21.37 2.87
CA ILE A 5 27.98 -22.08 4.01
C ILE A 5 28.64 -23.38 3.53
N ASN A 6 29.96 -23.35 3.42
CA ASN A 6 30.77 -24.52 3.11
C ASN A 6 30.97 -25.44 4.33
N ALA A 7 29.95 -26.23 4.61
CA ALA A 7 29.96 -27.14 5.76
C ALA A 7 28.89 -28.19 5.57
N GLU A 8 28.92 -29.23 6.41
CA GLU A 8 27.97 -30.33 6.31
C GLU A 8 27.16 -30.45 7.60
N MET A 9 26.08 -31.21 7.52
CA MET A 9 25.23 -31.47 8.66
C MET A 9 26.08 -32.02 9.81
N GLY A 10 25.91 -31.44 11.00
CA GLY A 10 26.73 -31.79 12.16
C GLY A 10 27.81 -30.78 12.50
N ASP A 11 28.26 -29.97 11.53
CA ASP A 11 29.29 -28.95 11.81
C ASP A 11 28.77 -27.82 12.71
N PHE A 12 27.48 -27.51 12.62
CA PHE A 12 26.87 -26.52 13.50
C PHE A 12 26.14 -27.20 14.62
N ALA A 13 26.14 -26.57 15.79
CA ALA A 13 25.25 -26.94 16.87
C ALA A 13 23.80 -26.66 16.50
N ASP A 14 22.89 -27.16 17.33
CA ASP A 14 21.48 -26.86 17.18
C ASP A 14 21.11 -25.42 17.61
N VAL A 15 22.03 -24.71 18.26
CA VAL A 15 21.87 -23.32 18.66
C VAL A 15 22.99 -22.49 18.06
N VAL A 16 22.66 -21.32 17.50
CA VAL A 16 23.68 -20.46 16.86
C VAL A 16 23.54 -19.01 17.31
N LEU A 17 24.61 -18.48 17.91
CA LEU A 17 24.74 -17.05 18.20
C LEU A 17 25.18 -16.36 16.92
N MET A 18 24.56 -15.23 16.61
CA MET A 18 24.92 -14.50 15.40
C MET A 18 25.05 -13.01 15.67
N PRO A 19 26.30 -12.52 15.73
CA PRO A 19 26.47 -11.08 15.63
C PRO A 19 26.33 -10.63 14.17
N GLY A 20 26.13 -9.34 13.94
CA GLY A 20 26.19 -8.79 12.58
C GLY A 20 27.56 -8.84 11.95
N ASP A 21 28.56 -8.47 12.74
CA ASP A 21 29.97 -8.39 12.35
C ASP A 21 30.66 -9.76 12.52
N PRO A 22 31.13 -10.37 11.42
CA PRO A 22 31.85 -11.66 11.53
C PRO A 22 33.15 -11.63 12.36
N LEU A 23 33.76 -10.46 12.51
CA LEU A 23 34.93 -10.32 13.39
C LEU A 23 34.54 -10.57 14.85
N ARG A 24 33.35 -10.08 15.23
N ARG A 24 33.35 -10.10 15.24
CA ARG A 24 32.78 -10.35 16.55
CA ARG A 24 32.85 -10.38 16.58
C ARG A 24 32.47 -11.84 16.77
C ARG A 24 32.47 -11.86 16.78
N ALA A 25 32.18 -12.60 15.71
CA ALA A 25 32.01 -14.07 15.79
C ALA A 25 33.29 -14.80 16.22
N LYS A 26 34.40 -14.46 15.57
CA LYS A 26 35.72 -14.96 15.92
C LYS A 26 36.08 -14.59 17.36
N TYR A 27 35.75 -13.36 17.77
CA TYR A 27 35.95 -12.94 19.15
C TYR A 27 35.11 -13.75 20.15
N ILE A 28 33.84 -14.05 19.83
CA ILE A 28 33.00 -14.92 20.68
C ILE A 28 33.66 -16.28 20.86
N ALA A 29 34.15 -16.85 19.76
CA ALA A 29 34.76 -18.19 19.76
C ALA A 29 35.97 -18.25 20.67
N GLU A 30 36.91 -17.33 20.46
CA GLU A 30 38.12 -17.36 21.28
C GLU A 30 37.89 -16.94 22.74
N THR A 31 36.91 -16.07 23.02
CA THR A 31 36.69 -15.59 24.39
C THR A 31 35.81 -16.51 25.25
N PHE A 32 34.79 -17.13 24.67
CA PHE A 32 33.80 -17.91 25.43
C PHE A 32 33.76 -19.41 25.18
N LEU A 33 34.13 -19.86 23.98
CA LEU A 33 34.00 -21.27 23.61
C LEU A 33 35.30 -22.05 23.82
N GLU A 34 35.17 -23.29 24.30
CA GLU A 34 36.30 -24.21 24.39
C GLU A 34 36.27 -25.16 23.21
N ASP A 35 37.46 -25.62 22.80
CA ASP A 35 37.59 -26.63 21.75
C ASP A 35 36.95 -26.17 20.44
N ALA A 36 37.17 -24.90 20.09
CA ALA A 36 36.50 -24.28 18.95
C ALA A 36 37.16 -24.67 17.64
N ARG A 37 36.35 -25.01 16.64
CA ARG A 37 36.84 -25.23 15.28
C ARG A 37 36.15 -24.25 14.32
N GLU A 38 36.86 -23.83 13.28
CA GLU A 38 36.25 -23.04 12.21
C GLU A 38 35.42 -23.99 11.36
N VAL A 39 34.20 -23.54 11.05
CA VAL A 39 33.28 -24.30 10.19
C VAL A 39 32.80 -23.57 8.93
N ASN A 40 33.04 -22.25 8.82
CA ASN A 40 32.69 -21.50 7.61
C ASN A 40 33.62 -20.31 7.37
N ASN A 41 34.08 -20.14 6.14
CA ASN A 41 34.79 -18.92 5.69
C ASN A 41 34.21 -18.26 4.43
N VAL A 42 33.19 -18.86 3.81
CA VAL A 42 32.62 -18.36 2.55
C VAL A 42 32.25 -16.88 2.70
N ARG A 43 32.76 -16.05 1.80
CA ARG A 43 32.56 -14.59 1.83
C ARG A 43 33.11 -13.89 3.07
N GLY A 44 34.02 -14.54 3.80
CA GLY A 44 34.55 -13.98 5.03
C GLY A 44 33.54 -13.93 6.17
N MET A 45 32.45 -14.70 6.04
CA MET A 45 31.43 -14.78 7.09
C MET A 45 31.80 -15.93 8.02
N LEU A 46 32.71 -15.61 8.92
CA LEU A 46 33.37 -16.61 9.76
C LEU A 46 32.40 -17.24 10.74
N GLY A 47 32.49 -18.55 10.86
CA GLY A 47 31.61 -19.35 11.70
C GLY A 47 32.38 -20.40 12.45
N PHE A 48 31.99 -20.62 13.70
CA PHE A 48 32.72 -21.49 14.61
C PHE A 48 31.77 -22.36 15.41
N THR A 49 32.29 -23.47 15.91
CA THR A 49 31.55 -24.37 16.77
C THR A 49 32.49 -24.85 17.86
N GLY A 50 32.01 -24.79 19.10
CA GLY A 50 32.77 -25.22 20.29
C GLY A 50 31.79 -25.56 21.39
N THR A 51 32.24 -25.48 22.64
CA THR A 51 31.38 -25.73 23.78
C THR A 51 31.47 -24.61 24.83
N TYR A 52 30.35 -24.42 25.52
CA TYR A 52 30.26 -23.51 26.64
C TYR A 52 29.72 -24.30 27.82
N LYS A 53 30.60 -24.60 28.78
CA LYS A 53 30.30 -25.48 29.91
C LYS A 53 29.71 -26.82 29.47
N GLY A 54 30.31 -27.42 28.44
CA GLY A 54 29.90 -28.75 27.94
C GLY A 54 28.84 -28.75 26.84
N ARG A 55 28.18 -27.61 26.64
CA ARG A 55 27.07 -27.49 25.71
C ARG A 55 27.60 -27.09 24.34
N LYS A 56 27.27 -27.87 23.32
CA LYS A 56 27.72 -27.56 21.96
C LYS A 56 27.05 -26.26 21.47
N ILE A 57 27.86 -25.29 21.06
CA ILE A 57 27.37 -23.99 20.58
C ILE A 57 28.13 -23.50 19.34
N SER A 58 27.41 -22.83 18.44
CA SER A 58 28.00 -22.22 17.27
C SER A 58 27.82 -20.71 17.29
N VAL A 59 28.72 -20.03 16.58
CA VAL A 59 28.66 -18.57 16.41
C VAL A 59 29.15 -18.19 15.02
N MET A 60 28.35 -17.40 14.31
CA MET A 60 28.67 -16.97 12.93
C MET A 60 28.05 -15.63 12.65
N GLY A 61 28.74 -14.78 11.89
CA GLY A 61 28.19 -13.50 11.48
C GLY A 61 26.99 -13.69 10.57
N HIS A 62 26.06 -12.74 10.56
CA HIS A 62 24.95 -12.77 9.59
C HIS A 62 24.96 -11.63 8.55
N GLY A 63 25.75 -10.58 8.79
CA GLY A 63 25.77 -9.39 7.91
C GLY A 63 24.68 -8.38 8.24
N MET A 64 24.84 -7.15 7.79
CA MET A 64 23.84 -6.11 8.08
C MET A 64 22.63 -6.25 7.16
N GLY A 65 21.44 -6.12 7.73
CA GLY A 65 20.20 -6.07 6.96
C GLY A 65 19.41 -7.36 6.92
N ILE A 66 18.10 -7.23 6.75
CA ILE A 66 17.20 -8.38 6.69
C ILE A 66 17.59 -9.38 5.60
N PRO A 67 17.86 -8.92 4.37
CA PRO A 67 18.20 -9.89 3.34
C PRO A 67 19.45 -10.73 3.61
N SER A 68 20.51 -10.15 4.17
CA SER A 68 21.70 -10.94 4.51
C SER A 68 21.38 -12.01 5.55
N CYS A 69 20.81 -11.60 6.68
CA CYS A 69 20.57 -12.54 7.78
C CYS A 69 19.51 -13.59 7.42
N SER A 70 18.57 -13.25 6.56
CA SER A 70 17.59 -14.22 6.06
C SER A 70 18.23 -15.38 5.27
N ILE A 71 19.30 -15.09 4.53
CA ILE A 71 20.08 -16.12 3.83
C ILE A 71 20.61 -17.12 4.84
N TYR A 72 21.36 -16.62 5.82
CA TYR A 72 22.12 -17.50 6.70
C TYR A 72 21.21 -18.24 7.64
N THR A 73 20.25 -17.53 8.22
CA THR A 73 19.36 -18.17 9.16
C THR A 73 18.56 -19.27 8.45
N LYS A 74 18.12 -19.03 7.22
CA LYS A 74 17.35 -20.04 6.49
C LYS A 74 18.16 -21.29 6.26
N GLU A 75 19.37 -21.11 5.72
CA GLU A 75 20.26 -22.23 5.43
C GLU A 75 20.63 -23.06 6.66
N LEU A 76 20.83 -22.39 7.78
CA LEU A 76 21.06 -23.07 9.05
C LEU A 76 19.85 -23.91 9.49
N ILE A 77 18.63 -23.36 9.42
CA ILE A 77 17.44 -24.11 9.84
C ILE A 77 17.25 -25.35 8.95
N THR A 78 17.33 -25.17 7.63
CA THR A 78 16.90 -26.21 6.68
C THR A 78 17.98 -27.19 6.28
N ASP A 79 19.25 -26.81 6.39
CA ASP A 79 20.35 -27.66 5.92
C ASP A 79 21.31 -28.11 7.02
N PHE A 80 21.27 -27.47 8.19
CA PHE A 80 22.19 -27.78 9.29
C PHE A 80 21.50 -28.12 10.62
N GLY A 81 20.21 -28.45 10.59
CA GLY A 81 19.49 -28.87 11.79
C GLY A 81 19.43 -27.86 12.93
N VAL A 82 19.59 -26.58 12.63
CA VAL A 82 19.61 -25.54 13.66
C VAL A 82 18.19 -25.29 14.15
N LYS A 83 18.02 -25.33 15.48
CA LYS A 83 16.75 -25.19 16.17
C LYS A 83 16.52 -23.79 16.73
N LYS A 84 17.61 -23.13 17.15
CA LYS A 84 17.54 -21.81 17.77
C LYS A 84 18.61 -20.89 17.22
N ILE A 85 18.20 -19.67 16.90
CA ILE A 85 19.11 -18.61 16.49
C ILE A 85 19.02 -17.52 17.54
N ILE A 86 20.15 -17.08 18.06
CA ILE A 86 20.17 -15.89 18.89
C ILE A 86 20.99 -14.81 18.20
N ARG A 87 20.31 -13.79 17.70
CA ARG A 87 21.00 -12.61 17.20
C ARG A 87 21.52 -11.85 18.42
N VAL A 88 22.80 -11.46 18.35
CA VAL A 88 23.49 -10.68 19.40
C VAL A 88 24.12 -9.45 18.77
N GLY A 89 23.47 -8.30 18.94
CA GLY A 89 23.76 -7.13 18.13
C GLY A 89 23.78 -5.84 18.88
N SER A 90 23.79 -4.74 18.13
CA SER A 90 23.63 -3.41 18.69
C SER A 90 22.39 -2.75 18.10
N CYS A 91 21.93 -1.71 18.77
CA CYS A 91 20.77 -0.95 18.31
C CYS A 91 20.88 0.50 18.74
N GLY A 92 20.11 1.36 18.09
CA GLY A 92 19.95 2.74 18.49
C GLY A 92 18.65 2.96 19.24
N ALA A 93 18.65 3.85 20.22
CA ALA A 93 17.49 4.09 21.06
C ALA A 93 16.77 5.37 20.65
N VAL A 94 15.45 5.39 20.82
CA VAL A 94 14.64 6.61 20.61
C VAL A 94 13.94 7.10 21.87
N LEU A 95 13.89 6.28 22.92
CA LEU A 95 13.20 6.64 24.16
C LEU A 95 14.20 7.29 25.10
N PRO A 96 13.88 8.47 25.66
CA PRO A 96 14.86 9.11 26.55
C PRO A 96 15.24 8.27 27.78
N HIS A 97 14.30 7.52 28.33
CA HIS A 97 14.58 6.65 29.49
C HIS A 97 15.36 5.34 29.16
N VAL A 98 15.51 5.00 27.88
CA VAL A 98 16.39 3.87 27.46
C VAL A 98 17.80 4.40 27.29
N LYS A 99 18.73 3.90 28.10
CA LYS A 99 20.05 4.50 28.23
C LYS A 99 21.12 3.72 27.45
N LEU A 100 22.17 4.43 27.06
CA LEU A 100 23.36 3.82 26.44
C LEU A 100 23.84 2.60 27.23
N ARG A 101 24.13 1.51 26.51
CA ARG A 101 24.62 0.24 27.07
C ARG A 101 23.55 -0.63 27.78
N ASP A 102 22.28 -0.21 27.74
CA ASP A 102 21.19 -1.06 28.20
C ASP A 102 21.09 -2.30 27.33
N VAL A 103 20.72 -3.41 27.96
CA VAL A 103 20.42 -4.64 27.23
C VAL A 103 18.92 -4.66 26.89
N VAL A 104 18.63 -4.85 25.61
CA VAL A 104 17.29 -4.86 25.07
C VAL A 104 17.03 -6.24 24.46
N ILE A 105 15.91 -6.84 24.86
CA ILE A 105 15.44 -8.15 24.36
C ILE A 105 14.18 -7.93 23.52
N GLY A 106 14.25 -8.33 22.25
CA GLY A 106 13.17 -8.09 21.30
C GLY A 106 12.15 -9.22 21.29
N MET A 107 11.12 -9.09 22.14
CA MET A 107 10.03 -10.08 22.15
C MET A 107 9.32 -9.99 20.79
N GLY A 108 9.26 -8.79 20.25
CA GLY A 108 8.74 -8.52 18.93
C GLY A 108 9.67 -7.60 18.16
N ALA A 109 9.44 -7.51 16.86
CA ALA A 109 10.23 -6.69 15.95
C ALA A 109 9.34 -6.10 14.85
N CYS A 110 9.07 -4.81 14.98
CA CYS A 110 8.49 -4.01 13.92
C CYS A 110 9.47 -3.91 12.75
N THR A 111 8.97 -3.54 11.57
CA THR A 111 9.82 -3.32 10.42
C THR A 111 9.16 -2.47 9.35
N ASP A 112 10.00 -1.89 8.48
CA ASP A 112 9.55 -1.23 7.24
C ASP A 112 9.98 -2.05 6.02
N SER A 113 10.51 -3.26 6.25
CA SER A 113 10.71 -4.21 5.18
C SER A 113 9.37 -4.75 4.67
N LYS A 114 9.40 -5.26 3.45
CA LYS A 114 8.23 -5.88 2.87
C LYS A 114 8.28 -7.41 2.92
N VAL A 115 9.29 -7.99 3.57
CA VAL A 115 9.52 -9.44 3.47
C VAL A 115 8.38 -10.25 4.10
N ASN A 116 7.90 -9.82 5.26
CA ASN A 116 6.79 -10.53 5.90
C ASN A 116 5.45 -10.34 5.21
N ARG A 117 5.23 -9.18 4.59
CA ARG A 117 4.06 -8.99 3.72
C ARG A 117 4.05 -9.93 2.51
N ILE A 118 5.22 -10.12 1.90
CA ILE A 118 5.35 -11.12 0.85
C ILE A 118 4.99 -12.53 1.36
N ARG A 119 5.42 -12.84 2.57
CA ARG A 119 5.10 -14.10 3.20
C ARG A 119 3.62 -14.22 3.61
N PHE A 120 3.02 -13.11 4.07
CA PHE A 120 1.77 -13.15 4.82
C PHE A 120 0.59 -12.50 4.11
N LYS A 121 0.55 -12.66 2.77
CA LYS A 121 -0.51 -12.17 1.87
C LYS A 121 -0.81 -10.70 2.09
N ASP A 122 0.27 -9.93 2.27
CA ASP A 122 0.20 -8.50 2.51
C ASP A 122 -0.57 -8.09 3.78
N HIS A 123 -0.75 -9.01 4.74
CA HIS A 123 -1.32 -8.66 6.05
C HIS A 123 -0.20 -8.38 7.04
N ASP A 124 -0.57 -8.09 8.29
CA ASP A 124 0.39 -7.79 9.34
C ASP A 124 0.83 -9.08 10.03
N PHE A 125 2.05 -9.54 9.75
CA PHE A 125 2.65 -10.61 10.53
C PHE A 125 3.36 -9.99 11.72
N ALA A 126 2.92 -10.34 12.92
CA ALA A 126 3.62 -9.97 14.17
C ALA A 126 4.91 -10.80 14.29
N ALA A 127 6.03 -10.21 13.92
CA ALA A 127 7.33 -10.88 14.00
C ALA A 127 7.76 -10.97 15.47
N ILE A 128 7.62 -12.18 16.02
CA ILE A 128 7.87 -12.43 17.45
C ILE A 128 8.99 -13.45 17.67
N ALA A 129 9.68 -13.27 18.79
CA ALA A 129 10.65 -14.25 19.28
C ALA A 129 9.92 -15.44 19.86
N ASP A 130 10.65 -16.52 20.07
CA ASP A 130 10.16 -17.63 20.87
C ASP A 130 10.08 -17.18 22.34
N PHE A 131 8.91 -17.34 22.95
CA PHE A 131 8.70 -16.87 24.31
C PHE A 131 9.67 -17.47 25.34
N ASP A 132 9.90 -18.78 25.29
CA ASP A 132 10.81 -19.40 26.27
C ASP A 132 12.22 -18.80 26.16
N MET A 133 12.67 -18.57 24.93
CA MET A 133 13.97 -17.93 24.72
C MET A 133 14.05 -16.53 25.32
N VAL A 134 12.94 -15.79 25.28
CA VAL A 134 12.86 -14.45 25.87
C VAL A 134 13.04 -14.57 27.39
N ARG A 135 12.23 -15.43 28.02
CA ARG A 135 12.32 -15.61 29.48
C ARG A 135 13.68 -16.11 29.92
N ASN A 136 14.19 -17.11 29.21
CA ASN A 136 15.53 -17.60 29.44
C ASN A 136 16.54 -16.47 29.48
N ALA A 137 16.44 -15.56 28.53
CA ALA A 137 17.36 -14.41 28.45
C ALA A 137 17.16 -13.42 29.60
N VAL A 138 15.91 -13.20 29.99
CA VAL A 138 15.61 -12.31 31.12
C VAL A 138 16.13 -12.88 32.43
N ASP A 139 15.91 -14.19 32.63
CA ASP A 139 16.38 -14.89 33.84
C ASP A 139 17.90 -14.95 33.92
N ALA A 140 18.57 -15.20 32.79
CA ALA A 140 20.03 -15.21 32.75
C ALA A 140 20.61 -13.85 33.09
N ALA A 141 20.00 -12.80 32.55
CA ALA A 141 20.36 -11.43 32.88
C ALA A 141 20.21 -11.12 34.37
N LYS A 142 19.09 -11.53 34.97
CA LYS A 142 18.84 -11.34 36.42
C LYS A 142 19.94 -12.04 37.23
N ALA A 143 20.22 -13.30 36.89
CA ALA A 143 21.28 -14.07 37.57
C ALA A 143 22.67 -13.42 37.44
N LEU A 144 22.91 -12.72 36.34
CA LEU A 144 24.13 -11.94 36.15
C LEU A 144 24.03 -10.50 36.68
N GLY A 145 22.94 -10.14 37.35
CA GLY A 145 22.74 -8.78 37.86
C GLY A 145 22.56 -7.70 36.79
N ILE A 146 22.22 -8.10 35.56
CA ILE A 146 21.98 -7.16 34.47
C ILE A 146 20.46 -7.05 34.38
N ASP A 147 19.95 -5.82 34.45
CA ASP A 147 18.53 -5.58 34.23
C ASP A 147 18.40 -5.37 32.73
N ALA A 148 17.32 -5.90 32.17
CA ALA A 148 17.18 -5.97 30.72
C ALA A 148 15.77 -5.56 30.45
N ARG A 149 15.54 -4.71 29.45
CA ARG A 149 14.17 -4.38 29.09
C ARG A 149 13.70 -5.29 27.96
N VAL A 150 12.44 -5.67 28.03
CA VAL A 150 11.81 -6.54 27.06
C VAL A 150 10.71 -5.78 26.34
N GLY A 151 10.69 -5.86 25.02
CA GLY A 151 9.68 -5.15 24.24
C GLY A 151 9.90 -5.29 22.75
N ASN A 152 9.54 -4.23 22.02
CA ASN A 152 9.64 -4.21 20.57
C ASN A 152 10.94 -3.59 20.09
N LEU A 153 11.55 -4.22 19.10
CA LEU A 153 12.57 -3.60 18.27
C LEU A 153 11.92 -3.07 16.98
N PHE A 154 12.69 -2.30 16.23
CA PHE A 154 12.33 -1.89 14.87
C PHE A 154 13.47 -2.27 13.96
N SER A 155 13.18 -3.13 13.00
CA SER A 155 14.15 -3.58 12.04
C SER A 155 14.02 -2.71 10.78
N ALA A 156 14.97 -1.78 10.65
CA ALA A 156 14.99 -0.83 9.54
C ALA A 156 15.72 -1.43 8.35
N ASP A 157 15.21 -1.14 7.14
CA ASP A 157 15.94 -1.44 5.91
C ASP A 157 16.93 -0.34 5.58
N LEU A 158 16.63 0.90 5.96
CA LEU A 158 17.52 2.03 5.73
C LEU A 158 18.09 2.57 7.03
N PHE A 159 19.37 2.26 7.26
CA PHE A 159 20.16 2.89 8.32
C PHE A 159 20.14 4.41 8.14
N TYR A 160 20.28 4.88 6.90
CA TYR A 160 20.16 6.30 6.56
C TYR A 160 18.77 6.53 6.00
N SER A 161 17.83 6.77 6.92
CA SER A 161 16.42 6.90 6.59
C SER A 161 16.13 8.31 6.12
N PRO A 162 15.44 8.47 4.97
CA PRO A 162 14.97 9.80 4.58
C PRO A 162 13.72 10.25 5.35
N ASP A 163 13.12 9.37 6.15
CA ASP A 163 11.96 9.68 6.96
C ASP A 163 12.39 9.83 8.42
N GLY A 164 12.83 11.04 8.78
CA GLY A 164 13.21 11.35 10.16
C GLY A 164 12.06 11.29 11.15
N GLU A 165 10.87 11.65 10.70
CA GLU A 165 9.68 11.65 11.55
C GLU A 165 9.29 10.25 12.07
N MET A 166 9.67 9.21 11.34
CA MET A 166 9.38 7.84 11.76
C MET A 166 10.00 7.51 13.13
N PHE A 167 11.15 8.11 13.43
CA PHE A 167 11.76 7.96 14.75
C PHE A 167 10.84 8.46 15.89
N ASP A 168 10.10 9.54 15.66
CA ASP A 168 9.10 10.00 16.66
C ASP A 168 7.95 9.01 16.84
N VAL A 169 7.49 8.41 15.73
CA VAL A 169 6.44 7.39 15.76
C VAL A 169 6.91 6.16 16.55
N MET A 170 8.12 5.70 16.27
CA MET A 170 8.76 4.62 17.03
C MET A 170 8.74 4.91 18.53
N GLU A 171 9.14 6.13 18.87
CA GLU A 171 9.18 6.59 20.26
C GLU A 171 7.79 6.59 20.90
N LYS A 172 6.81 7.14 20.18
CA LYS A 172 5.43 7.13 20.67
C LYS A 172 4.90 5.72 20.94
N TYR A 173 5.23 4.76 20.08
CA TYR A 173 4.76 3.37 20.26
C TYR A 173 5.68 2.48 21.08
N GLY A 174 6.70 3.06 21.72
CA GLY A 174 7.49 2.35 22.71
C GLY A 174 8.63 1.49 22.18
N ILE A 175 9.07 1.73 20.94
CA ILE A 175 10.14 0.94 20.36
C ILE A 175 11.40 1.14 21.23
N LEU A 176 11.99 0.02 21.67
CA LEU A 176 13.15 0.04 22.57
C LEU A 176 14.46 0.22 21.84
N GLY A 177 14.54 -0.28 20.61
CA GLY A 177 15.78 -0.21 19.85
C GLY A 177 15.55 -0.35 18.36
N VAL A 178 16.42 0.30 17.60
CA VAL A 178 16.39 0.28 16.15
C VAL A 178 17.61 -0.49 15.73
N GLU A 179 17.39 -1.57 15.02
CA GLU A 179 18.46 -2.38 14.47
C GLU A 179 18.00 -2.76 13.04
N MET A 180 18.53 -3.81 12.45
CA MET A 180 18.23 -4.05 11.02
C MET A 180 17.91 -5.50 10.64
N GLU A 181 17.52 -6.35 11.60
CA GLU A 181 17.49 -7.81 11.36
C GLU A 181 16.37 -8.63 11.99
N ALA A 182 16.06 -8.35 13.27
CA ALA A 182 15.14 -9.15 14.08
C ALA A 182 13.87 -9.57 13.36
N ALA A 183 13.22 -8.63 12.68
CA ALA A 183 11.95 -8.95 12.02
C ALA A 183 12.13 -9.93 10.89
N GLY A 184 13.26 -9.83 10.20
CA GLY A 184 13.65 -10.81 9.17
C GLY A 184 13.96 -12.19 9.73
N ILE A 185 14.74 -12.23 10.81
CA ILE A 185 15.06 -13.50 11.49
C ILE A 185 13.79 -14.15 12.04
N TYR A 186 12.95 -13.37 12.71
CA TYR A 186 11.69 -13.89 13.24
C TYR A 186 10.79 -14.44 12.15
N GLY A 187 10.78 -13.78 11.00
CA GLY A 187 10.05 -14.25 9.80
C GLY A 187 10.53 -15.60 9.28
N VAL A 188 11.85 -15.75 9.16
CA VAL A 188 12.47 -17.00 8.74
C VAL A 188 12.17 -18.15 9.72
N ALA A 189 12.39 -17.91 11.01
CA ALA A 189 12.06 -18.91 12.05
C ALA A 189 10.62 -19.41 11.91
N ALA A 190 9.67 -18.50 11.69
CA ALA A 190 8.27 -18.89 11.55
C ALA A 190 8.04 -19.67 10.24
N GLU A 191 8.57 -19.17 9.14
CA GLU A 191 8.46 -19.85 7.85
C GLU A 191 8.96 -21.31 7.88
N PHE A 192 10.10 -21.54 8.52
CA PHE A 192 10.78 -22.84 8.45
C PHE A 192 10.72 -23.61 9.77
N GLY A 193 9.88 -23.15 10.70
CA GLY A 193 9.59 -23.88 11.93
C GLY A 193 10.71 -24.01 12.95
N ALA A 194 11.45 -22.93 13.20
CA ALA A 194 12.45 -22.92 14.25
C ALA A 194 12.18 -21.76 15.23
N LYS A 195 13.12 -21.50 16.13
CA LYS A 195 12.94 -20.48 17.17
C LYS A 195 14.07 -19.50 17.12
N ALA A 196 13.75 -18.25 17.48
CA ALA A 196 14.69 -17.17 17.37
C ALA A 196 14.50 -16.12 18.44
N LEU A 197 15.59 -15.48 18.78
CA LEU A 197 15.60 -14.36 19.68
C LEU A 197 16.65 -13.36 19.21
N THR A 198 16.36 -12.08 19.42
CA THR A 198 17.31 -11.01 19.19
C THR A 198 17.54 -10.24 20.49
N ILE A 199 18.80 -10.16 20.88
CA ILE A 199 19.25 -9.36 22.00
C ILE A 199 20.20 -8.30 21.42
N CYS A 200 20.03 -7.05 21.83
CA CYS A 200 20.86 -5.97 21.36
C CYS A 200 21.33 -5.14 22.55
N THR A 201 22.51 -4.55 22.43
CA THR A 201 22.93 -3.53 23.39
C THR A 201 22.76 -2.17 22.73
N VAL A 202 22.39 -1.16 23.53
CA VAL A 202 22.17 0.18 23.01
C VAL A 202 23.52 0.85 22.86
N SER A 203 23.95 1.07 21.63
CA SER A 203 25.25 1.71 21.36
C SER A 203 25.15 3.18 20.97
N ASP A 204 23.91 3.67 20.81
CA ASP A 204 23.64 4.92 20.15
C ASP A 204 22.31 5.42 20.67
N HIS A 205 22.18 6.73 20.75
CA HIS A 205 20.92 7.38 21.01
C HIS A 205 20.73 8.30 19.82
N ILE A 206 19.59 8.21 19.17
CA ILE A 206 19.32 9.03 17.99
C ILE A 206 18.57 10.23 18.62
N ARG A 207 19.33 11.07 19.33
CA ARG A 207 18.80 12.04 20.30
C ARG A 207 19.92 13.04 20.64
N THR A 208 20.76 12.72 21.62
CA THR A 208 21.99 13.44 21.89
C THR A 208 23.08 12.53 21.35
N HIS A 209 24.24 13.11 21.07
CA HIS A 209 25.47 12.35 20.90
C HIS A 209 26.08 12.25 22.29
N GLU A 210 26.07 11.05 22.85
CA GLU A 210 26.68 10.74 24.16
C GLU A 210 27.79 9.73 23.91
N GLN A 211 28.80 9.71 24.78
CA GLN A 211 30.02 8.91 24.58
C GLN A 211 30.10 7.65 25.45
N THR A 212 30.77 6.62 24.92
CA THR A 212 31.25 5.47 25.71
C THR A 212 32.72 5.22 25.38
N THR A 213 33.45 4.59 26.30
CA THR A 213 34.84 4.16 26.06
C THR A 213 34.87 2.81 25.33
N ALA A 214 36.03 2.46 24.76
CA ALA A 214 36.21 1.11 24.20
C ALA A 214 36.09 0.03 25.27
N ALA A 215 36.57 0.31 26.48
CA ALA A 215 36.46 -0.62 27.62
C ALA A 215 35.00 -0.87 28.04
N GLU A 216 34.23 0.21 28.10
CA GLU A 216 32.79 0.14 28.37
C GLU A 216 32.02 -0.65 27.31
N ARG A 217 32.40 -0.50 26.02
CA ARG A 217 31.82 -1.32 24.93
C ARG A 217 32.14 -2.81 25.06
N GLN A 218 33.37 -3.15 25.44
CA GLN A 218 33.77 -4.55 25.55
C GLN A 218 33.02 -5.22 26.68
N THR A 219 32.95 -4.54 27.84
CA THR A 219 32.28 -5.09 29.01
C THR A 219 30.79 -5.35 28.73
N THR A 220 30.11 -4.38 28.13
CA THR A 220 28.68 -4.50 27.79
C THR A 220 28.42 -5.59 26.74
N PHE A 221 29.27 -5.64 25.71
CA PHE A 221 29.21 -6.70 24.71
C PHE A 221 29.40 -8.08 25.33
N ASN A 222 30.41 -8.22 26.18
CA ASN A 222 30.64 -9.47 26.92
C ASN A 222 29.43 -9.87 27.80
N ASP A 223 28.77 -8.88 28.40
CA ASP A 223 27.56 -9.13 29.18
C ASP A 223 26.41 -9.69 28.31
N MET A 224 26.19 -9.11 27.13
CA MET A 224 25.18 -9.63 26.19
C MET A 224 25.46 -11.10 25.81
N ILE A 225 26.72 -11.40 25.52
CA ILE A 225 27.11 -12.76 25.14
C ILE A 225 26.94 -13.74 26.29
N LYS A 226 27.35 -13.33 27.49
CA LYS A 226 27.10 -14.12 28.71
C LYS A 226 25.61 -14.40 28.85
N ILE A 227 24.79 -13.35 28.74
CA ILE A 227 23.34 -13.49 28.81
C ILE A 227 22.85 -14.54 27.83
N ALA A 228 23.28 -14.42 26.58
CA ALA A 228 22.82 -15.33 25.53
C ALA A 228 23.22 -16.78 25.79
N LEU A 229 24.47 -16.98 26.19
CA LEU A 229 24.98 -18.33 26.48
C LEU A 229 24.31 -18.95 27.73
N GLU A 230 24.19 -18.17 28.80
CA GLU A 230 23.49 -18.66 29.99
C GLU A 230 22.01 -18.92 29.69
N SER A 231 21.39 -18.09 28.84
CA SER A 231 20.00 -18.30 28.40
C SER A 231 19.82 -19.66 27.73
N VAL A 232 20.81 -20.09 26.95
CA VAL A 232 20.74 -21.41 26.31
C VAL A 232 20.71 -22.52 27.36
N LEU A 233 21.55 -22.42 28.38
CA LEU A 233 21.61 -23.47 29.42
C LEU A 233 20.29 -23.53 30.21
N LEU A 234 19.68 -22.37 30.49
CA LEU A 234 18.33 -22.36 31.08
C LEU A 234 17.29 -23.01 30.16
N GLY A 235 17.38 -22.75 28.86
CA GLY A 235 16.47 -23.38 27.89
C GLY A 235 16.58 -24.89 27.82
N ASP A 236 17.79 -25.42 28.00
CA ASP A 236 18.02 -26.87 28.12
C ASP A 236 17.42 -27.44 29.43
N LYS A 237 17.33 -26.56 30.44
CA LYS A 237 16.66 -26.71 31.76
C LYS A 237 17.57 -27.25 32.85
N ALA B 1 -8.25 -4.83 -38.80
CA ALA B 1 -8.66 -3.76 -37.85
C ALA B 1 -8.71 -4.26 -36.41
N THR B 2 -8.53 -3.30 -35.50
CA THR B 2 -8.64 -3.55 -34.08
C THR B 2 -9.73 -2.61 -33.59
N PRO B 3 -10.17 -2.75 -32.33
CA PRO B 3 -11.26 -1.89 -31.85
C PRO B 3 -11.03 -0.36 -31.95
N HIS B 4 -9.77 0.09 -31.97
CA HIS B 4 -9.45 1.53 -32.05
C HIS B 4 -8.62 1.95 -33.26
N ILE B 5 -8.29 0.99 -34.13
CA ILE B 5 -7.51 1.28 -35.35
C ILE B 5 -8.16 0.55 -36.53
N ASN B 6 -8.88 1.31 -37.34
CA ASN B 6 -9.44 0.87 -38.62
C ASN B 6 -8.40 0.90 -39.73
N ALA B 7 -7.55 -0.12 -39.73
CA ALA B 7 -6.50 -0.27 -40.73
C ALA B 7 -6.16 -1.74 -40.79
N GLU B 8 -5.29 -2.10 -41.73
CA GLU B 8 -4.93 -3.50 -41.97
C GLU B 8 -3.44 -3.71 -41.84
N MET B 9 -3.04 -4.95 -41.56
CA MET B 9 -1.62 -5.33 -41.47
C MET B 9 -0.89 -4.81 -42.71
N GLY B 10 0.25 -4.16 -42.50
CA GLY B 10 0.98 -3.50 -43.58
C GLY B 10 0.76 -2.01 -43.66
N ASP B 11 -0.41 -1.53 -43.21
CA ASP B 11 -0.72 -0.08 -43.26
C ASP B 11 0.21 0.76 -42.38
N PHE B 12 0.77 0.18 -41.33
CA PHE B 12 1.79 0.87 -40.53
C PHE B 12 3.20 0.36 -40.83
N ALA B 13 4.17 1.25 -40.66
CA ALA B 13 5.58 0.85 -40.66
C ALA B 13 5.84 0.07 -39.39
N ASP B 14 6.97 -0.64 -39.36
CA ASP B 14 7.35 -1.37 -38.15
C ASP B 14 7.90 -0.44 -37.05
N VAL B 15 8.03 0.85 -37.36
CA VAL B 15 8.28 1.89 -36.37
C VAL B 15 7.16 2.93 -36.42
N VAL B 16 6.67 3.34 -35.25
CA VAL B 16 5.64 4.36 -35.15
C VAL B 16 6.05 5.47 -34.18
N LEU B 17 6.17 6.68 -34.68
CA LEU B 17 6.29 7.87 -33.82
C LEU B 17 4.92 8.22 -33.25
N MET B 18 4.86 8.60 -31.99
CA MET B 18 3.57 8.88 -31.37
C MET B 18 3.58 10.14 -30.51
N PRO B 19 3.07 11.26 -31.07
CA PRO B 19 2.74 12.41 -30.22
C PRO B 19 1.42 12.13 -29.50
N GLY B 20 1.13 12.91 -28.47
CA GLY B 20 -0.13 12.78 -27.75
C GLY B 20 -1.28 13.30 -28.59
N ASP B 21 -1.03 14.42 -29.26
CA ASP B 21 -2.00 15.15 -30.07
C ASP B 21 -2.11 14.58 -31.49
N PRO B 22 -3.29 14.07 -31.88
CA PRO B 22 -3.40 13.60 -33.27
C PRO B 22 -3.15 14.68 -34.33
N LEU B 23 -3.50 15.94 -34.03
CA LEU B 23 -3.21 17.05 -34.96
C LEU B 23 -1.71 17.25 -35.15
N ARG B 24 -0.94 16.94 -34.12
CA ARG B 24 0.51 16.93 -34.15
C ARG B 24 1.06 15.78 -35.00
N ALA B 25 0.37 14.64 -35.02
CA ALA B 25 0.73 13.54 -35.92
C ALA B 25 0.62 13.95 -37.39
N LYS B 26 -0.48 14.64 -37.73
CA LYS B 26 -0.69 15.22 -39.07
C LYS B 26 0.42 16.24 -39.37
N TYR B 27 0.75 17.08 -38.40
CA TYR B 27 1.91 17.97 -38.53
C TYR B 27 3.21 17.23 -38.84
N ILE B 28 3.51 16.15 -38.10
CA ILE B 28 4.74 15.34 -38.36
C ILE B 28 4.71 14.82 -39.79
N ALA B 29 3.58 14.22 -40.16
CA ALA B 29 3.44 13.57 -41.45
C ALA B 29 3.67 14.55 -42.61
N GLU B 30 2.97 15.70 -42.59
CA GLU B 30 3.09 16.67 -43.68
C GLU B 30 4.48 17.35 -43.76
N THR B 31 5.08 17.63 -42.61
CA THR B 31 6.37 18.30 -42.54
C THR B 31 7.56 17.39 -42.87
N PHE B 32 7.55 16.16 -42.38
CA PHE B 32 8.74 15.28 -42.43
C PHE B 32 8.62 14.05 -43.33
N LEU B 33 7.39 13.64 -43.67
CA LEU B 33 7.18 12.44 -44.47
C LEU B 33 6.78 12.79 -45.91
N GLU B 34 7.23 11.94 -46.83
CA GLU B 34 6.87 12.00 -48.25
C GLU B 34 5.88 10.88 -48.53
N ASP B 35 5.00 11.09 -49.50
CA ASP B 35 3.99 10.09 -49.93
C ASP B 35 3.16 9.60 -48.75
N ALA B 36 2.77 10.55 -47.89
CA ALA B 36 2.09 10.24 -46.65
C ALA B 36 0.59 10.08 -46.92
N ARG B 37 0.07 8.93 -46.50
CA ARG B 37 -1.37 8.64 -46.61
C ARG B 37 -1.89 8.43 -45.19
N GLU B 38 -3.09 8.93 -44.90
CA GLU B 38 -3.75 8.67 -43.63
C GLU B 38 -4.21 7.20 -43.56
N VAL B 39 -3.89 6.54 -42.45
CA VAL B 39 -4.21 5.11 -42.25
C VAL B 39 -5.19 4.84 -41.09
N ASN B 40 -5.54 5.87 -40.32
CA ASN B 40 -6.53 5.73 -39.25
C ASN B 40 -7.19 7.06 -38.91
N ASN B 41 -8.50 7.02 -38.70
CA ASN B 41 -9.28 8.19 -38.22
C ASN B 41 -10.25 7.89 -37.06
N VAL B 42 -10.29 6.64 -36.59
CA VAL B 42 -11.24 6.23 -35.56
C VAL B 42 -11.02 7.10 -34.33
N ARG B 43 -12.09 7.64 -33.81
CA ARG B 43 -12.06 8.56 -32.66
C ARG B 43 -11.25 9.84 -32.88
N GLY B 44 -10.99 10.18 -34.15
CA GLY B 44 -10.11 11.28 -34.50
C GLY B 44 -8.63 11.04 -34.19
N MET B 45 -8.23 9.80 -33.91
CA MET B 45 -6.84 9.54 -33.60
C MET B 45 -6.03 9.29 -34.87
N LEU B 46 -5.74 10.38 -35.57
CA LEU B 46 -5.15 10.37 -36.91
C LEU B 46 -3.80 9.64 -36.91
N GLY B 47 -3.69 8.65 -37.78
CA GLY B 47 -2.44 7.93 -38.01
C GLY B 47 -2.06 8.05 -39.47
N PHE B 48 -0.76 8.18 -39.74
CA PHE B 48 -0.21 8.37 -41.09
C PHE B 48 1.00 7.49 -41.35
N THR B 49 1.21 7.16 -42.62
CA THR B 49 2.33 6.36 -43.04
C THR B 49 2.89 6.96 -44.30
N GLY B 50 4.21 7.12 -44.34
CA GLY B 50 4.92 7.69 -45.46
C GLY B 50 6.36 7.22 -45.40
N THR B 51 7.26 8.00 -45.98
CA THR B 51 8.69 7.70 -45.94
C THR B 51 9.52 8.89 -45.53
N TYR B 52 10.63 8.59 -44.84
CA TYR B 52 11.64 9.56 -44.45
C TYR B 52 12.95 9.03 -45.00
N LYS B 53 13.50 9.76 -45.98
CA LYS B 53 14.71 9.35 -46.70
C LYS B 53 14.63 7.89 -47.17
N GLY B 54 13.51 7.54 -47.79
CA GLY B 54 13.28 6.19 -48.31
C GLY B 54 12.91 5.10 -47.29
N ARG B 55 12.89 5.41 -45.99
CA ARG B 55 12.53 4.44 -44.97
C ARG B 55 11.03 4.62 -44.64
N LYS B 56 10.31 3.51 -44.62
N LYS B 56 10.30 3.51 -44.61
CA LYS B 56 8.89 3.50 -44.26
CA LYS B 56 8.89 3.53 -44.27
C LYS B 56 8.76 3.88 -42.77
C LYS B 56 8.76 3.90 -42.78
N ILE B 57 7.95 4.91 -42.48
CA ILE B 57 7.74 5.39 -41.11
C ILE B 57 6.27 5.68 -40.94
N SER B 58 5.72 5.38 -39.77
CA SER B 58 4.37 5.78 -39.42
C SER B 58 4.41 6.74 -38.26
N VAL B 59 3.39 7.58 -38.17
CA VAL B 59 3.20 8.48 -37.05
C VAL B 59 1.71 8.52 -36.70
N MET B 60 1.40 8.47 -35.41
CA MET B 60 0.01 8.42 -34.96
C MET B 60 -0.12 8.90 -33.53
N GLY B 61 -1.19 9.64 -33.26
CA GLY B 61 -1.45 10.13 -31.93
C GLY B 61 -1.80 8.98 -30.98
N HIS B 62 -1.53 9.20 -29.69
CA HIS B 62 -1.89 8.21 -28.66
C HIS B 62 -2.80 8.72 -27.54
N GLY B 63 -3.18 10.00 -27.59
CA GLY B 63 -4.01 10.61 -26.55
C GLY B 63 -3.27 10.84 -25.24
N MET B 64 -3.89 11.63 -24.37
CA MET B 64 -3.29 11.96 -23.10
C MET B 64 -3.56 10.85 -22.09
N GLY B 65 -2.48 10.29 -21.53
CA GLY B 65 -2.54 9.42 -20.36
C GLY B 65 -2.16 7.98 -20.63
N ILE B 66 -1.72 7.30 -19.58
CA ILE B 66 -1.30 5.89 -19.66
C ILE B 66 -2.40 4.98 -20.21
N PRO B 67 -3.64 5.14 -19.74
CA PRO B 67 -4.69 4.28 -20.29
C PRO B 67 -4.94 4.45 -21.81
N SER B 68 -4.92 5.68 -22.31
CA SER B 68 -5.12 5.93 -23.75
C SER B 68 -3.96 5.34 -24.56
N CYS B 69 -2.74 5.71 -24.21
CA CYS B 69 -1.58 5.26 -25.01
C CYS B 69 -1.32 3.75 -24.88
N SER B 70 -1.75 3.15 -23.77
CA SER B 70 -1.61 1.71 -23.58
C SER B 70 -2.46 0.94 -24.59
N ILE B 71 -3.66 1.45 -24.85
CA ILE B 71 -4.55 0.88 -25.86
C ILE B 71 -3.90 0.87 -27.26
N TYR B 72 -3.43 2.04 -27.70
CA TYR B 72 -2.91 2.19 -29.06
C TYR B 72 -1.61 1.44 -29.26
N THR B 73 -0.69 1.56 -28.30
CA THR B 73 0.60 0.91 -28.42
C THR B 73 0.44 -0.60 -28.43
N LYS B 74 -0.47 -1.13 -27.65
CA LYS B 74 -0.75 -2.57 -27.61
C LYS B 74 -1.25 -3.08 -28.97
N GLU B 75 -2.27 -2.42 -29.50
CA GLU B 75 -2.88 -2.82 -30.76
C GLU B 75 -1.88 -2.78 -31.94
N LEU B 76 -1.02 -1.76 -31.96
CA LEU B 76 0.04 -1.67 -32.96
C LEU B 76 1.01 -2.85 -32.87
N ILE B 77 1.42 -3.16 -31.65
CA ILE B 77 2.35 -4.26 -31.42
C ILE B 77 1.77 -5.63 -31.82
N THR B 78 0.59 -5.97 -31.30
CA THR B 78 0.05 -7.33 -31.46
C THR B 78 -0.70 -7.58 -32.77
N ASP B 79 -1.18 -6.52 -33.43
CA ASP B 79 -1.98 -6.69 -34.65
C ASP B 79 -1.44 -6.03 -35.93
N PHE B 80 -0.55 -5.04 -35.82
CA PHE B 80 0.01 -4.32 -36.95
C PHE B 80 1.53 -4.49 -37.12
N GLY B 81 2.13 -5.47 -36.44
CA GLY B 81 3.52 -5.84 -36.65
C GLY B 81 4.57 -4.82 -36.24
N VAL B 82 4.17 -3.83 -35.42
CA VAL B 82 5.05 -2.75 -35.01
C VAL B 82 6.02 -3.29 -33.97
N LYS B 83 7.30 -2.99 -34.20
CA LYS B 83 8.38 -3.42 -33.34
C LYS B 83 8.97 -2.31 -32.48
N LYS B 84 8.85 -1.06 -32.92
CA LYS B 84 9.37 0.09 -32.18
C LYS B 84 8.33 1.19 -32.10
N ILE B 85 8.22 1.77 -30.92
CA ILE B 85 7.37 2.91 -30.70
C ILE B 85 8.22 4.03 -30.17
N ILE B 86 8.14 5.21 -30.78
CA ILE B 86 8.84 6.38 -30.24
C ILE B 86 7.82 7.44 -29.89
N ARG B 87 7.56 7.60 -28.60
CA ARG B 87 6.76 8.72 -28.14
C ARG B 87 7.59 9.99 -28.31
N VAL B 88 6.97 11.02 -28.88
CA VAL B 88 7.59 12.33 -29.10
C VAL B 88 6.64 13.36 -28.53
N GLY B 89 6.91 13.77 -27.29
CA GLY B 89 5.96 14.61 -26.54
C GLY B 89 6.57 15.83 -25.88
N SER B 90 5.77 16.44 -25.01
CA SER B 90 6.22 17.53 -24.17
C SER B 90 6.21 17.07 -22.71
N CYS B 91 7.03 17.73 -21.91
CA CYS B 91 7.03 17.52 -20.47
C CYS B 91 7.23 18.84 -19.74
N GLY B 92 6.87 18.86 -18.48
CA GLY B 92 7.18 19.97 -17.59
C GLY B 92 8.46 19.65 -16.87
N ALA B 93 9.23 20.67 -16.49
CA ALA B 93 10.51 20.46 -15.82
C ALA B 93 10.39 20.74 -14.35
N VAL B 94 11.26 20.08 -13.61
CA VAL B 94 11.27 20.13 -12.17
C VAL B 94 12.63 20.60 -11.63
N LEU B 95 13.72 20.22 -12.29
CA LEU B 95 15.08 20.64 -11.91
C LEU B 95 15.39 22.03 -12.44
N PRO B 96 16.03 22.90 -11.63
CA PRO B 96 16.32 24.28 -12.07
C PRO B 96 17.24 24.36 -13.31
N HIS B 97 18.32 23.58 -13.27
CA HIS B 97 19.28 23.46 -14.40
C HIS B 97 18.74 22.73 -15.66
N VAL B 98 17.52 22.19 -15.60
CA VAL B 98 16.83 21.71 -16.81
C VAL B 98 16.02 22.89 -17.40
N LYS B 99 16.39 23.30 -18.60
CA LYS B 99 15.87 24.52 -19.20
C LYS B 99 14.78 24.26 -20.21
N LEU B 100 14.08 25.34 -20.54
CA LEU B 100 13.07 25.31 -21.58
C LEU B 100 13.78 24.95 -22.89
N ARG B 101 13.11 24.14 -23.70
CA ARG B 101 13.65 23.66 -24.97
C ARG B 101 14.86 22.70 -24.86
N ASP B 102 15.09 22.10 -23.69
CA ASP B 102 16.01 20.96 -23.58
C ASP B 102 15.30 19.74 -24.12
N VAL B 103 16.05 18.90 -24.84
CA VAL B 103 15.53 17.62 -25.30
C VAL B 103 15.85 16.58 -24.24
N VAL B 104 14.82 15.87 -23.78
CA VAL B 104 14.91 14.88 -22.71
C VAL B 104 14.56 13.50 -23.26
N ILE B 105 15.39 12.51 -22.92
CA ILE B 105 15.21 11.13 -23.37
C ILE B 105 14.96 10.30 -22.11
N GLY B 106 13.82 9.63 -22.04
CA GLY B 106 13.44 8.81 -20.89
C GLY B 106 13.98 7.40 -20.96
N MET B 107 15.21 7.24 -20.49
CA MET B 107 15.78 5.91 -20.27
C MET B 107 14.88 5.12 -19.31
N GLY B 108 14.32 5.82 -18.33
CA GLY B 108 13.37 5.24 -17.40
C GLY B 108 12.21 6.19 -17.24
N ALA B 109 11.13 5.69 -16.65
CA ALA B 109 9.99 6.53 -16.34
C ALA B 109 9.39 6.09 -15.04
N CYS B 110 9.46 6.97 -14.04
CA CYS B 110 8.73 6.77 -12.80
C CYS B 110 7.25 6.98 -13.06
N THR B 111 6.40 6.59 -12.10
CA THR B 111 4.96 6.81 -12.24
C THR B 111 4.21 6.71 -10.92
N ASP B 112 3.05 7.36 -10.90
CA ASP B 112 2.06 7.17 -9.82
C ASP B 112 0.84 6.32 -10.25
N SER B 113 0.85 5.81 -11.49
CA SER B 113 -0.18 4.88 -11.95
C SER B 113 0.03 3.55 -11.23
N LYS B 114 -0.99 2.72 -11.18
CA LYS B 114 -0.71 1.39 -10.68
C LYS B 114 -0.73 0.31 -11.75
N VAL B 115 -0.65 0.70 -13.04
CA VAL B 115 -0.72 -0.30 -14.11
C VAL B 115 0.40 -1.34 -14.01
N ASN B 116 1.63 -0.89 -13.75
CA ASN B 116 2.77 -1.79 -13.67
C ASN B 116 2.77 -2.65 -12.43
N ARG B 117 2.20 -2.14 -11.34
CA ARG B 117 1.90 -2.98 -10.17
C ARG B 117 0.89 -4.10 -10.44
N ILE B 118 -0.15 -3.82 -11.25
CA ILE B 118 -1.11 -4.84 -11.71
C ILE B 118 -0.32 -5.94 -12.41
N ARG B 119 0.60 -5.54 -13.29
CA ARG B 119 1.38 -6.50 -14.08
C ARG B 119 2.39 -7.27 -13.25
N PHE B 120 2.95 -6.65 -12.22
CA PHE B 120 4.19 -7.14 -11.63
C PHE B 120 4.03 -7.59 -10.17
N LYS B 121 2.88 -8.22 -9.88
CA LYS B 121 2.52 -8.75 -8.56
C LYS B 121 2.73 -7.74 -7.45
N ASP B 122 2.37 -6.50 -7.74
CA ASP B 122 2.44 -5.40 -6.76
C ASP B 122 3.89 -5.02 -6.30
N HIS B 123 4.91 -5.44 -7.05
CA HIS B 123 6.31 -5.06 -6.78
C HIS B 123 6.69 -3.89 -7.67
N ASP B 124 7.92 -3.41 -7.55
CA ASP B 124 8.44 -2.34 -8.40
C ASP B 124 9.00 -2.84 -9.74
N PHE B 125 8.27 -2.61 -10.82
CA PHE B 125 8.80 -2.83 -12.17
C PHE B 125 9.49 -1.54 -12.60
N ALA B 126 10.77 -1.62 -12.96
CA ALA B 126 11.47 -0.45 -13.48
C ALA B 126 11.11 -0.26 -14.95
N ALA B 127 10.20 0.67 -15.22
CA ALA B 127 9.76 0.95 -16.57
C ALA B 127 10.88 1.61 -17.39
N ILE B 128 11.47 0.85 -18.30
CA ILE B 128 12.63 1.33 -19.04
C ILE B 128 12.44 1.28 -20.55
N ALA B 129 13.18 2.16 -21.21
CA ALA B 129 13.27 2.17 -22.66
C ALA B 129 14.18 1.04 -23.11
N ASP B 130 14.10 0.69 -24.39
CA ASP B 130 15.10 -0.15 -25.03
C ASP B 130 16.42 0.61 -25.14
N PHE B 131 17.50 0.01 -24.64
CA PHE B 131 18.82 0.66 -24.61
C PHE B 131 19.32 1.13 -25.98
N ASP B 132 19.22 0.28 -27.01
CA ASP B 132 19.72 0.63 -28.36
C ASP B 132 19.03 1.88 -28.91
N MET B 133 17.71 1.94 -28.74
CA MET B 133 16.92 3.09 -29.16
C MET B 133 17.34 4.37 -28.42
N VAL B 134 17.66 4.24 -27.14
CA VAL B 134 18.17 5.36 -26.36
C VAL B 134 19.48 5.86 -26.98
N ARG B 135 20.39 4.93 -27.23
CA ARG B 135 21.70 5.25 -27.79
C ARG B 135 21.60 5.85 -29.21
N ASN B 136 20.76 5.24 -30.06
CA ASN B 136 20.48 5.78 -31.39
C ASN B 136 19.99 7.22 -31.32
N ALA B 137 19.10 7.47 -30.37
CA ALA B 137 18.55 8.81 -30.20
C ALA B 137 19.62 9.80 -29.71
N VAL B 138 20.50 9.37 -28.81
CA VAL B 138 21.56 10.23 -28.30
C VAL B 138 22.54 10.58 -29.43
N ASP B 139 22.88 9.57 -30.23
CA ASP B 139 23.82 9.77 -31.35
C ASP B 139 23.26 10.66 -32.45
N ALA B 140 22.00 10.44 -32.79
CA ALA B 140 21.30 11.29 -33.73
C ALA B 140 21.28 12.74 -33.26
N ALA B 141 21.06 12.93 -31.96
CA ALA B 141 21.08 14.28 -31.39
C ALA B 141 22.48 14.88 -31.43
N LYS B 142 23.49 14.07 -31.15
CA LYS B 142 24.89 14.53 -31.25
C LYS B 142 25.19 15.00 -32.69
N ALA B 143 24.77 14.22 -33.70
CA ALA B 143 25.02 14.53 -35.11
C ALA B 143 24.34 15.83 -35.57
N LEU B 144 23.20 16.17 -34.96
CA LEU B 144 22.52 17.45 -35.20
C LEU B 144 22.97 18.58 -34.27
N GLY B 145 24.02 18.39 -33.49
CA GLY B 145 24.50 19.42 -32.55
C GLY B 145 23.56 19.72 -31.39
N ILE B 146 22.84 18.71 -30.90
CA ILE B 146 21.85 18.88 -29.82
C ILE B 146 22.21 18.00 -28.61
N ASP B 147 22.05 18.59 -27.42
CA ASP B 147 22.71 18.11 -26.19
C ASP B 147 21.75 17.34 -25.30
N ALA B 148 21.37 16.15 -25.73
CA ALA B 148 20.23 15.46 -25.10
C ALA B 148 20.53 15.01 -23.68
N ARG B 149 19.58 15.26 -22.77
CA ARG B 149 19.69 14.80 -21.39
C ARG B 149 18.98 13.46 -21.28
N VAL B 150 19.65 12.47 -20.68
CA VAL B 150 19.11 11.12 -20.59
C VAL B 150 18.91 10.80 -19.12
N GLY B 151 17.73 10.33 -18.77
CA GLY B 151 17.46 9.99 -17.39
C GLY B 151 16.02 9.58 -17.17
N ASN B 152 15.50 9.91 -15.98
CA ASN B 152 14.12 9.57 -15.59
C ASN B 152 13.10 10.63 -15.98
N LEU B 153 12.00 10.16 -16.56
CA LEU B 153 10.76 10.91 -16.65
C LEU B 153 9.85 10.50 -15.50
N PHE B 154 8.80 11.28 -15.27
CA PHE B 154 7.73 10.89 -14.36
C PHE B 154 6.41 10.93 -15.12
N SER B 155 5.73 9.78 -15.18
CA SER B 155 4.48 9.64 -15.90
C SER B 155 3.35 9.76 -14.88
N ALA B 156 2.67 10.90 -14.91
CA ALA B 156 1.64 11.23 -13.92
C ALA B 156 0.25 10.85 -14.44
N ASP B 157 -0.61 10.40 -13.53
CA ASP B 157 -2.03 10.21 -13.85
C ASP B 157 -2.81 11.52 -13.82
N LEU B 158 -2.43 12.42 -12.91
CA LEU B 158 -3.12 13.69 -12.72
C LEU B 158 -2.25 14.89 -13.10
N PHE B 159 -2.51 15.43 -14.30
CA PHE B 159 -1.98 16.71 -14.76
C PHE B 159 -2.21 17.80 -13.72
N TYR B 160 -3.42 17.83 -13.17
CA TYR B 160 -3.76 18.70 -12.04
C TYR B 160 -3.68 17.85 -10.79
N SER B 161 -2.49 17.74 -10.20
CA SER B 161 -2.32 16.89 -9.02
C SER B 161 -2.77 17.66 -7.77
N PRO B 162 -3.47 16.97 -6.85
CA PRO B 162 -3.82 17.60 -5.56
C PRO B 162 -2.60 17.74 -4.65
N ASP B 163 -1.58 16.89 -4.89
CA ASP B 163 -0.39 16.77 -4.07
C ASP B 163 0.78 17.53 -4.70
N GLY B 164 0.84 18.84 -4.47
CA GLY B 164 1.96 19.66 -4.92
C GLY B 164 3.32 19.29 -4.35
N GLU B 165 3.34 18.59 -3.20
CA GLU B 165 4.59 18.19 -2.52
C GLU B 165 5.40 17.17 -3.35
N MET B 166 4.73 16.43 -4.22
CA MET B 166 5.38 15.42 -5.03
C MET B 166 6.40 16.00 -6.02
N PHE B 167 6.23 17.27 -6.39
CA PHE B 167 7.15 17.90 -7.32
C PHE B 167 8.55 18.09 -6.68
N ASP B 168 8.60 18.43 -5.39
CA ASP B 168 9.90 18.49 -4.65
C ASP B 168 10.61 17.14 -4.62
N VAL B 169 9.82 16.09 -4.45
CA VAL B 169 10.33 14.73 -4.37
C VAL B 169 10.92 14.31 -5.72
N MET B 170 10.21 14.62 -6.81
CA MET B 170 10.73 14.40 -8.18
C MET B 170 12.06 15.12 -8.40
N GLU B 171 12.13 16.37 -7.93
CA GLU B 171 13.34 17.18 -8.01
C GLU B 171 14.50 16.53 -7.24
N LYS B 172 14.22 16.14 -5.99
CA LYS B 172 15.22 15.48 -5.15
C LYS B 172 15.85 14.27 -5.83
N TYR B 173 15.01 13.40 -6.41
CA TYR B 173 15.46 12.16 -7.04
C TYR B 173 15.81 12.27 -8.54
N GLY B 174 15.92 13.49 -9.05
CA GLY B 174 16.56 13.72 -10.35
C GLY B 174 15.70 13.59 -11.58
N ILE B 175 14.38 13.59 -11.41
CA ILE B 175 13.47 13.45 -12.53
C ILE B 175 13.68 14.64 -13.50
N LEU B 176 13.93 14.32 -14.77
CA LEU B 176 14.23 15.31 -15.79
C LEU B 176 12.98 15.99 -16.34
N GLY B 177 11.88 15.24 -16.41
CA GLY B 177 10.63 15.78 -16.95
C GLY B 177 9.39 15.04 -16.47
N VAL B 178 8.28 15.78 -16.44
CA VAL B 178 6.99 15.25 -16.03
C VAL B 178 6.05 15.22 -17.25
N GLU B 179 5.61 14.02 -17.61
CA GLU B 179 4.65 13.81 -18.71
C GLU B 179 3.58 12.79 -18.27
N MET B 180 2.90 12.08 -19.17
CA MET B 180 1.71 11.26 -18.79
C MET B 180 1.62 9.86 -19.41
N GLU B 181 2.69 9.37 -20.02
CA GLU B 181 2.61 8.18 -20.88
C GLU B 181 3.76 7.18 -20.77
N ALA B 182 4.98 7.66 -20.65
CA ALA B 182 6.18 6.82 -20.84
C ALA B 182 6.17 5.51 -20.06
N ALA B 183 5.85 5.60 -18.76
CA ALA B 183 5.81 4.39 -17.92
C ALA B 183 4.77 3.37 -18.42
N GLY B 184 3.65 3.87 -18.95
CA GLY B 184 2.61 3.04 -19.53
C GLY B 184 3.08 2.34 -20.79
N ILE B 185 3.74 3.11 -21.66
CA ILE B 185 4.22 2.57 -22.93
C ILE B 185 5.31 1.54 -22.69
N TYR B 186 6.20 1.82 -21.75
CA TYR B 186 7.29 0.89 -21.44
C TYR B 186 6.78 -0.41 -20.84
N GLY B 187 5.71 -0.31 -20.05
CA GLY B 187 5.02 -1.49 -19.52
C GLY B 187 4.41 -2.36 -20.61
N VAL B 188 3.76 -1.70 -21.58
CA VAL B 188 3.19 -2.39 -22.74
C VAL B 188 4.29 -3.07 -23.56
N ALA B 189 5.37 -2.34 -23.85
CA ALA B 189 6.49 -2.87 -24.65
C ALA B 189 7.13 -4.11 -24.02
N ALA B 190 7.23 -4.11 -22.69
CA ALA B 190 7.74 -5.27 -21.98
C ALA B 190 6.68 -6.38 -21.93
N GLU B 191 5.41 -6.02 -21.72
CA GLU B 191 4.35 -7.02 -21.69
C GLU B 191 4.24 -7.81 -23.00
N PHE B 192 4.27 -7.10 -24.11
CA PHE B 192 4.00 -7.68 -25.43
C PHE B 192 5.24 -7.85 -26.31
N GLY B 193 6.42 -7.67 -25.73
CA GLY B 193 7.69 -7.99 -26.41
C GLY B 193 8.15 -7.10 -27.56
N ALA B 194 7.85 -5.81 -27.51
CA ALA B 194 8.37 -4.85 -28.48
C ALA B 194 9.33 -3.90 -27.78
N LYS B 195 9.72 -2.82 -28.44
CA LYS B 195 10.67 -1.87 -27.89
C LYS B 195 10.10 -0.48 -27.96
N ALA B 196 10.45 0.35 -26.99
CA ALA B 196 9.91 1.69 -26.92
C ALA B 196 10.91 2.70 -26.38
N LEU B 197 10.65 3.96 -26.71
CA LEU B 197 11.40 5.10 -26.27
C LEU B 197 10.47 6.29 -26.23
N THR B 198 10.68 7.14 -25.24
CA THR B 198 10.02 8.42 -25.11
C THR B 198 11.08 9.53 -25.18
N ILE B 199 10.90 10.45 -26.14
CA ILE B 199 11.65 11.70 -26.20
C ILE B 199 10.64 12.80 -25.84
N CYS B 200 11.08 13.79 -25.06
CA CYS B 200 10.27 14.98 -24.81
C CYS B 200 11.08 16.25 -24.93
N THR B 201 10.41 17.34 -25.27
CA THR B 201 10.98 18.68 -25.11
C THR B 201 10.34 19.32 -23.90
N VAL B 202 11.11 20.15 -23.21
CA VAL B 202 10.65 20.82 -22.01
C VAL B 202 9.89 22.07 -22.43
N SER B 203 8.58 22.06 -22.24
CA SER B 203 7.72 23.16 -22.69
C SER B 203 7.24 24.04 -21.52
N ASP B 204 7.72 23.73 -20.33
CA ASP B 204 7.13 24.25 -19.12
C ASP B 204 8.16 24.07 -18.01
N HIS B 205 8.23 25.04 -17.10
CA HIS B 205 9.03 24.92 -15.90
C HIS B 205 8.03 25.06 -14.76
N ILE B 206 7.83 23.98 -14.00
CA ILE B 206 6.90 23.97 -12.85
C ILE B 206 7.59 24.68 -11.64
N ARG B 207 8.86 25.09 -11.84
CA ARG B 207 9.61 26.02 -10.96
C ARG B 207 9.42 27.53 -11.31
N THR B 208 10.11 28.01 -12.34
CA THR B 208 10.23 29.47 -12.62
C THR B 208 9.06 30.10 -13.40
N HIS B 209 8.24 29.27 -14.06
CA HIS B 209 6.98 29.70 -14.73
C HIS B 209 7.26 30.70 -15.87
N GLU B 210 7.75 30.22 -17.01
CA GLU B 210 8.26 31.12 -18.08
C GLU B 210 8.28 30.59 -19.53
N GLN B 211 8.49 31.53 -20.44
CA GLN B 211 8.76 31.33 -21.88
C GLN B 211 9.90 32.34 -22.17
N THR B 212 10.64 32.40 -23.30
CA THR B 212 10.67 31.57 -24.54
C THR B 212 9.72 32.04 -25.68
N THR B 213 10.20 31.90 -26.91
CA THR B 213 9.53 32.46 -28.08
C THR B 213 8.99 31.34 -28.99
N ALA B 214 7.87 31.63 -29.67
CA ALA B 214 7.17 30.64 -30.50
C ALA B 214 8.06 30.00 -31.57
N ALA B 215 8.81 30.81 -32.30
CA ALA B 215 9.73 30.28 -33.33
C ALA B 215 10.79 29.32 -32.77
N GLU B 216 11.35 29.67 -31.61
CA GLU B 216 12.44 28.89 -31.00
C GLU B 216 11.92 27.54 -30.47
N ARG B 217 10.76 27.57 -29.83
CA ARG B 217 10.10 26.38 -29.30
C ARG B 217 9.67 25.39 -30.40
N GLN B 218 9.08 25.91 -31.47
CA GLN B 218 8.74 25.09 -32.63
C GLN B 218 9.97 24.55 -33.34
N THR B 219 11.08 25.30 -33.31
CA THR B 219 12.38 24.82 -33.82
C THR B 219 12.84 23.60 -33.02
N THR B 220 12.80 23.70 -31.70
CA THR B 220 13.21 22.62 -30.82
C THR B 220 12.28 21.40 -30.94
N PHE B 221 10.97 21.64 -31.10
CA PHE B 221 10.04 20.55 -31.37
C PHE B 221 10.44 19.83 -32.64
N ASN B 222 10.77 20.57 -33.71
CA ASN B 222 11.22 19.93 -34.94
C ASN B 222 12.52 19.17 -34.77
N ASP B 223 13.42 19.66 -33.93
CA ASP B 223 14.66 18.93 -33.65
C ASP B 223 14.40 17.58 -32.98
N MET B 224 13.49 17.56 -32.00
CA MET B 224 13.09 16.32 -31.35
C MET B 224 12.65 15.32 -32.38
N ILE B 225 11.76 15.75 -33.28
CA ILE B 225 11.23 14.86 -34.31
C ILE B 225 12.34 14.40 -35.27
N LYS B 226 13.28 15.28 -35.63
CA LYS B 226 14.43 14.87 -36.48
C LYS B 226 15.27 13.81 -35.76
N ILE B 227 15.50 14.03 -34.47
CA ILE B 227 16.24 13.08 -33.63
C ILE B 227 15.58 11.70 -33.67
N ALA B 228 14.25 11.68 -33.53
CA ALA B 228 13.49 10.44 -33.55
C ALA B 228 13.63 9.68 -34.87
N LEU B 229 13.43 10.40 -35.97
CA LEU B 229 13.52 9.80 -37.31
C LEU B 229 14.94 9.37 -37.63
N GLU B 230 15.92 10.20 -37.30
CA GLU B 230 17.31 9.87 -37.57
C GLU B 230 17.79 8.69 -36.70
N SER B 231 17.26 8.60 -35.48
CA SER B 231 17.57 7.47 -34.60
C SER B 231 17.13 6.14 -35.18
N VAL B 232 15.99 6.11 -35.88
CA VAL B 232 15.53 4.84 -36.45
C VAL B 232 16.42 4.47 -37.63
N LEU B 233 16.87 5.44 -38.41
CA LEU B 233 17.84 5.16 -39.48
C LEU B 233 19.15 4.59 -38.93
N LEU B 234 19.65 5.14 -37.82
CA LEU B 234 20.80 4.54 -37.13
C LEU B 234 20.53 3.11 -36.64
N GLY B 235 19.31 2.84 -36.16
CA GLY B 235 18.91 1.50 -35.70
C GLY B 235 18.88 0.44 -36.80
N ASP B 236 18.49 0.83 -38.02
CA ASP B 236 18.60 -0.06 -39.19
C ASP B 236 20.06 -0.45 -39.51
N LYS B 237 20.99 0.43 -39.14
CA LYS B 237 22.46 0.29 -39.30
C LYS B 237 22.91 0.83 -40.64
N ALA C 1 -30.67 -21.66 13.78
CA ALA C 1 -29.64 -20.96 14.61
C ALA C 1 -28.32 -20.79 13.86
N THR C 2 -27.67 -19.65 14.11
CA THR C 2 -26.32 -19.38 13.63
C THR C 2 -25.43 -19.09 14.85
N PRO C 3 -24.09 -19.07 14.66
CA PRO C 3 -23.22 -18.93 15.85
C PRO C 3 -23.46 -17.73 16.76
N HIS C 4 -24.11 -16.66 16.26
CA HIS C 4 -24.42 -15.46 17.07
C HIS C 4 -25.92 -15.08 17.14
N ILE C 5 -26.79 -15.89 16.53
CA ILE C 5 -28.23 -15.65 16.55
C ILE C 5 -28.98 -16.97 16.84
N ASN C 6 -29.58 -17.04 18.02
CA ASN C 6 -30.34 -18.21 18.43
C ASN C 6 -31.82 -18.01 18.09
N ALA C 7 -32.16 -18.44 16.90
CA ALA C 7 -33.47 -18.24 16.31
C ALA C 7 -33.55 -19.15 15.10
N GLU C 8 -34.74 -19.27 14.52
CA GLU C 8 -34.95 -20.16 13.37
C GLU C 8 -35.48 -19.37 12.18
N MET C 9 -35.28 -19.91 10.98
CA MET C 9 -35.86 -19.33 9.74
C MET C 9 -37.35 -19.07 9.97
N GLY C 10 -37.77 -17.83 9.74
CA GLY C 10 -39.14 -17.40 9.99
C GLY C 10 -39.26 -16.39 11.12
N ASP C 11 -38.32 -16.42 12.06
CA ASP C 11 -38.36 -15.54 13.25
C ASP C 11 -38.07 -14.09 12.90
N PHE C 12 -37.33 -13.89 11.82
CA PHE C 12 -37.05 -12.55 11.33
C PHE C 12 -37.87 -12.26 10.10
N ALA C 13 -38.32 -11.00 9.99
CA ALA C 13 -38.90 -10.49 8.74
C ALA C 13 -37.82 -10.42 7.66
N ASP C 14 -38.24 -10.15 6.43
CA ASP C 14 -37.30 -10.06 5.32
C ASP C 14 -36.58 -8.70 5.22
N VAL C 15 -36.99 -7.73 6.04
CA VAL C 15 -36.20 -6.51 6.27
C VAL C 15 -35.95 -6.35 7.77
N VAL C 16 -34.73 -5.94 8.10
CA VAL C 16 -34.30 -5.80 9.48
C VAL C 16 -33.71 -4.40 9.64
N LEU C 17 -34.28 -3.60 10.54
CA LEU C 17 -33.67 -2.33 10.93
C LEU C 17 -32.60 -2.64 11.96
N MET C 18 -31.41 -2.07 11.80
CA MET C 18 -30.33 -2.36 12.76
C MET C 18 -29.62 -1.12 13.30
N PRO C 19 -29.87 -0.78 14.58
CA PRO C 19 -29.02 0.19 15.22
C PRO C 19 -27.79 -0.50 15.80
N GLY C 20 -26.79 0.29 16.18
CA GLY C 20 -25.60 -0.26 16.81
C GLY C 20 -25.88 -0.76 18.22
N ASP C 21 -26.64 0.04 18.95
CA ASP C 21 -27.04 -0.24 20.32
C ASP C 21 -28.22 -1.23 20.36
N PRO C 22 -28.04 -2.42 20.96
CA PRO C 22 -29.19 -3.32 21.09
C PRO C 22 -30.36 -2.77 21.94
N LEU C 23 -30.07 -1.85 22.86
CA LEU C 23 -31.12 -1.20 23.67
C LEU C 23 -31.99 -0.25 22.81
N ARG C 24 -31.42 0.33 21.77
CA ARG C 24 -32.22 1.06 20.76
C ARG C 24 -33.11 0.12 19.96
N ALA C 25 -32.63 -1.07 19.63
CA ALA C 25 -33.50 -2.07 18.99
C ALA C 25 -34.73 -2.36 19.86
N LYS C 26 -34.47 -2.55 21.16
CA LYS C 26 -35.51 -2.77 22.16
C LYS C 26 -36.51 -1.61 22.18
N TYR C 27 -35.97 -0.40 22.31
CA TYR C 27 -36.77 0.82 22.27
C TYR C 27 -37.64 0.89 21.02
N ILE C 28 -37.03 0.62 19.86
CA ILE C 28 -37.75 0.65 18.57
C ILE C 28 -38.89 -0.35 18.56
N ALA C 29 -38.61 -1.58 19.00
CA ALA C 29 -39.62 -2.63 19.04
C ALA C 29 -40.82 -2.23 19.92
N GLU C 30 -40.51 -1.65 21.08
CA GLU C 30 -41.53 -1.17 22.03
C GLU C 30 -42.34 0.02 21.51
N THR C 31 -41.64 1.02 20.97
CA THR C 31 -42.24 2.28 20.53
C THR C 31 -42.94 2.23 19.16
N PHE C 32 -42.47 1.37 18.24
CA PHE C 32 -42.99 1.37 16.86
C PHE C 32 -43.69 0.12 16.38
N LEU C 33 -43.39 -1.04 16.97
CA LEU C 33 -43.98 -2.29 16.49
C LEU C 33 -45.10 -2.80 17.39
N GLU C 34 -46.11 -3.41 16.78
CA GLU C 34 -47.18 -4.11 17.50
C GLU C 34 -46.82 -5.58 17.55
N ASP C 35 -47.32 -6.30 18.56
CA ASP C 35 -47.04 -7.75 18.74
C ASP C 35 -45.53 -8.08 18.74
N ALA C 36 -44.73 -7.16 19.30
CA ALA C 36 -43.28 -7.26 19.28
C ALA C 36 -42.82 -8.44 20.13
N ARG C 37 -41.95 -9.25 19.55
CA ARG C 37 -41.55 -10.54 20.10
C ARG C 37 -40.02 -10.62 19.99
N GLU C 38 -39.34 -10.92 21.11
CA GLU C 38 -37.87 -11.02 21.12
C GLU C 38 -37.45 -12.33 20.47
N VAL C 39 -36.64 -12.24 19.41
CA VAL C 39 -36.19 -13.43 18.67
C VAL C 39 -34.71 -13.78 18.86
N ASN C 40 -33.96 -12.98 19.62
CA ASN C 40 -32.55 -13.26 19.90
C ASN C 40 -32.05 -12.49 21.10
N ASN C 41 -31.31 -13.17 21.97
CA ASN C 41 -30.55 -12.50 23.04
C ASN C 41 -29.06 -12.95 23.14
N VAL C 42 -28.58 -13.76 22.20
CA VAL C 42 -27.17 -14.20 22.24
C VAL C 42 -26.25 -12.97 22.32
N ARG C 43 -25.29 -12.98 23.24
CA ARG C 43 -24.38 -11.85 23.53
C ARG C 43 -25.05 -10.52 23.89
N GLY C 44 -26.29 -10.58 24.34
CA GLY C 44 -27.08 -9.39 24.64
C GLY C 44 -27.42 -8.57 23.42
N MET C 45 -27.31 -9.17 22.23
CA MET C 45 -27.52 -8.41 20.99
C MET C 45 -28.96 -8.68 20.60
N LEU C 46 -29.83 -7.92 21.26
CA LEU C 46 -31.26 -8.16 21.29
C LEU C 46 -31.88 -7.96 19.92
N GLY C 47 -32.63 -8.96 19.46
CA GLY C 47 -33.37 -8.90 18.19
C GLY C 47 -34.87 -9.05 18.42
N PHE C 48 -35.66 -8.26 17.70
CA PHE C 48 -37.13 -8.28 17.83
C PHE C 48 -37.82 -8.39 16.47
N THR C 49 -39.05 -8.94 16.49
CA THR C 49 -39.90 -9.02 15.32
C THR C 49 -41.34 -8.69 15.73
N GLY C 50 -41.92 -7.72 15.03
CA GLY C 50 -43.31 -7.35 15.23
C GLY C 50 -43.92 -6.85 13.94
N THR C 51 -44.75 -5.81 14.05
CA THR C 51 -45.57 -5.33 12.94
C THR C 51 -45.55 -3.81 12.89
N TYR C 52 -45.43 -3.25 11.69
CA TYR C 52 -45.60 -1.80 11.49
C TYR C 52 -46.65 -1.58 10.41
N LYS C 53 -47.83 -1.10 10.82
CA LYS C 53 -49.00 -0.93 9.94
C LYS C 53 -49.28 -2.20 9.16
N GLY C 54 -49.33 -3.31 9.89
CA GLY C 54 -49.48 -4.66 9.31
C GLY C 54 -48.27 -5.32 8.65
N ARG C 55 -47.17 -4.60 8.46
CA ARG C 55 -46.02 -5.18 7.77
C ARG C 55 -45.10 -5.83 8.78
N LYS C 56 -44.75 -7.09 8.54
CA LYS C 56 -43.79 -7.79 9.39
C LYS C 56 -42.42 -7.08 9.30
N ILE C 57 -41.89 -6.65 10.45
CA ILE C 57 -40.63 -5.91 10.53
C ILE C 57 -39.80 -6.47 11.70
N SER C 58 -38.51 -6.65 11.46
CA SER C 58 -37.57 -7.01 12.53
C SER C 58 -36.62 -5.85 12.86
N VAL C 59 -36.08 -5.88 14.08
CA VAL C 59 -35.12 -4.87 14.54
C VAL C 59 -34.09 -5.49 15.48
N MET C 60 -32.82 -5.40 15.13
CA MET C 60 -31.76 -6.01 15.92
C MET C 60 -30.51 -5.14 15.95
N GLY C 61 -29.91 -5.01 17.12
CA GLY C 61 -28.63 -4.32 17.23
C GLY C 61 -27.56 -5.04 16.42
N HIS C 62 -26.54 -4.31 15.97
CA HIS C 62 -25.39 -4.95 15.31
C HIS C 62 -24.03 -4.76 15.95
N GLY C 63 -23.96 -4.01 17.06
CA GLY C 63 -22.68 -3.70 17.71
C GLY C 63 -21.84 -2.69 16.94
N MET C 64 -20.78 -2.22 17.56
CA MET C 64 -19.96 -1.17 16.95
C MET C 64 -18.84 -1.73 16.10
N GLY C 65 -18.74 -1.24 14.87
CA GLY C 65 -17.64 -1.55 13.98
C GLY C 65 -17.99 -2.51 12.85
N ILE C 66 -17.20 -2.41 11.79
CA ILE C 66 -17.39 -3.22 10.60
C ILE C 66 -17.41 -4.73 10.90
N PRO C 67 -16.44 -5.23 11.72
CA PRO C 67 -16.42 -6.67 12.03
C PRO C 67 -17.66 -7.18 12.78
N SER C 68 -18.20 -6.37 13.69
CA SER C 68 -19.37 -6.79 14.46
C SER C 68 -20.56 -6.87 13.51
N CYS C 69 -20.85 -5.79 12.82
CA CYS C 69 -22.04 -5.75 11.97
C CYS C 69 -21.93 -6.69 10.78
N SER C 70 -20.71 -6.98 10.32
CA SER C 70 -20.50 -7.92 9.22
C SER C 70 -20.90 -9.33 9.59
N ILE C 71 -20.69 -9.69 10.85
CA ILE C 71 -21.12 -10.98 11.36
C ILE C 71 -22.66 -11.11 11.30
N TYR C 72 -23.37 -10.14 11.86
CA TYR C 72 -24.81 -10.27 12.02
C TYR C 72 -25.54 -10.15 10.68
N THR C 73 -25.17 -9.15 9.91
CA THR C 73 -25.78 -8.93 8.59
C THR C 73 -25.59 -10.15 7.69
N LYS C 74 -24.41 -10.75 7.74
CA LYS C 74 -24.18 -11.99 6.99
C LYS C 74 -25.13 -13.08 7.44
N GLU C 75 -25.17 -13.35 8.74
CA GLU C 75 -25.98 -14.45 9.26
C GLU C 75 -27.48 -14.28 8.94
N LEU C 76 -27.96 -13.05 9.03
CA LEU C 76 -29.34 -12.70 8.65
C LEU C 76 -29.66 -13.03 7.20
N ILE C 77 -28.71 -12.75 6.30
CA ILE C 77 -28.88 -12.97 4.87
C ILE C 77 -28.78 -14.45 4.50
N THR C 78 -27.79 -15.16 5.04
CA THR C 78 -27.57 -16.57 4.63
C THR C 78 -28.51 -17.58 5.31
N ASP C 79 -28.94 -17.29 6.53
CA ASP C 79 -29.68 -18.27 7.34
C ASP C 79 -31.11 -17.85 7.79
N PHE C 80 -31.50 -16.60 7.58
CA PHE C 80 -32.84 -16.13 7.97
C PHE C 80 -33.64 -15.42 6.86
N GLY C 81 -33.26 -15.64 5.60
CA GLY C 81 -33.97 -15.08 4.44
C GLY C 81 -34.14 -13.57 4.38
N VAL C 82 -33.24 -12.82 5.02
CA VAL C 82 -33.33 -11.35 5.03
C VAL C 82 -32.83 -10.79 3.70
N LYS C 83 -33.63 -9.89 3.12
CA LYS C 83 -33.41 -9.34 1.79
C LYS C 83 -32.88 -7.93 1.83
N LYS C 84 -33.28 -7.17 2.86
CA LYS C 84 -32.90 -5.77 3.03
C LYS C 84 -32.45 -5.53 4.45
N ILE C 85 -31.28 -4.91 4.61
CA ILE C 85 -30.81 -4.39 5.90
C ILE C 85 -30.87 -2.88 5.85
N ILE C 86 -31.45 -2.27 6.88
CA ILE C 86 -31.39 -0.82 7.04
C ILE C 86 -30.70 -0.48 8.34
N ARG C 87 -29.46 -0.01 8.25
CA ARG C 87 -28.76 0.48 9.43
C ARG C 87 -29.38 1.82 9.78
N VAL C 88 -29.71 1.99 11.05
CA VAL C 88 -30.28 3.21 11.59
C VAL C 88 -29.39 3.64 12.76
N GLY C 89 -28.39 4.47 12.47
CA GLY C 89 -27.34 4.79 13.44
C GLY C 89 -27.07 6.26 13.69
N SER C 90 -25.96 6.54 14.37
CA SER C 90 -25.50 7.90 14.61
C SER C 90 -24.19 8.13 13.87
N CYS C 91 -23.89 9.40 13.62
CA CYS C 91 -22.66 9.76 12.96
C CYS C 91 -22.19 11.11 13.46
N GLY C 92 -20.90 11.35 13.28
CA GLY C 92 -20.27 12.64 13.54
C GLY C 92 -20.15 13.40 12.24
N ALA C 93 -20.32 14.72 12.32
CA ALA C 93 -20.22 15.57 11.16
C ALA C 93 -18.86 16.22 11.07
N VAL C 94 -18.47 16.48 9.84
CA VAL C 94 -17.18 17.04 9.45
C VAL C 94 -17.38 18.34 8.62
N LEU C 95 -18.49 18.46 7.91
CA LEU C 95 -18.86 19.70 7.22
C LEU C 95 -19.56 20.68 8.17
N PRO C 96 -19.10 21.95 8.22
CA PRO C 96 -19.74 22.88 9.16
C PRO C 96 -21.23 23.15 8.89
N HIS C 97 -21.63 23.17 7.62
CA HIS C 97 -23.04 23.38 7.23
C HIS C 97 -23.96 22.16 7.40
N VAL C 98 -23.40 21.00 7.77
CA VAL C 98 -24.16 19.87 8.27
C VAL C 98 -24.27 20.07 9.79
N LYS C 99 -25.51 20.20 10.27
CA LYS C 99 -25.74 20.61 11.67
C LYS C 99 -26.27 19.44 12.46
N LEU C 100 -26.30 19.59 13.78
CA LEU C 100 -26.71 18.51 14.67
C LEU C 100 -28.17 18.14 14.39
N ARG C 101 -28.48 16.85 14.56
CA ARG C 101 -29.80 16.26 14.31
C ARG C 101 -30.20 16.07 12.82
N ASP C 102 -29.36 16.50 11.87
CA ASP C 102 -29.61 16.25 10.44
C ASP C 102 -29.65 14.76 10.16
N VAL C 103 -30.52 14.37 9.23
CA VAL C 103 -30.64 12.99 8.83
C VAL C 103 -29.80 12.86 7.58
N VAL C 104 -28.89 11.87 7.56
CA VAL C 104 -28.06 11.61 6.38
C VAL C 104 -28.29 10.20 5.83
N ILE C 105 -28.42 10.12 4.51
CA ILE C 105 -28.65 8.86 3.80
C ILE C 105 -27.36 8.47 3.07
N GLY C 106 -26.80 7.32 3.44
CA GLY C 106 -25.54 6.86 2.89
C GLY C 106 -25.68 6.20 1.54
N MET C 107 -25.68 7.01 0.49
CA MET C 107 -25.69 6.52 -0.88
C MET C 107 -24.44 5.68 -1.14
N GLY C 108 -23.31 6.18 -0.65
CA GLY C 108 -22.07 5.44 -0.65
C GLY C 108 -21.43 5.53 0.73
N ALA C 109 -20.40 4.72 0.93
CA ALA C 109 -19.61 4.79 2.17
C ALA C 109 -18.11 4.61 1.91
N CYS C 110 -17.35 5.67 2.17
CA CYS C 110 -15.90 5.59 2.20
C CYS C 110 -15.49 4.78 3.41
N THR C 111 -14.26 4.28 3.43
CA THR C 111 -13.73 3.62 4.63
C THR C 111 -12.21 3.56 4.65
N ASP C 112 -11.68 3.42 5.86
CA ASP C 112 -10.26 3.08 6.07
C ASP C 112 -10.09 1.62 6.52
N SER C 113 -11.16 0.84 6.50
CA SER C 113 -11.07 -0.60 6.72
C SER C 113 -10.41 -1.25 5.49
N LYS C 114 -9.78 -2.40 5.72
CA LYS C 114 -9.25 -3.21 4.63
C LYS C 114 -10.25 -4.25 4.09
N VAL C 115 -11.45 -4.37 4.64
CA VAL C 115 -12.33 -5.52 4.28
C VAL C 115 -12.70 -5.57 2.80
N ASN C 116 -13.11 -4.46 2.22
CA ASN C 116 -13.48 -4.44 0.80
C ASN C 116 -12.26 -4.65 -0.10
N ARG C 117 -11.10 -4.17 0.33
CA ARG C 117 -9.84 -4.49 -0.36
C ARG C 117 -9.51 -5.97 -0.38
N ILE C 118 -9.80 -6.66 0.71
CA ILE C 118 -9.64 -8.10 0.75
C ILE C 118 -10.59 -8.76 -0.27
N ARG C 119 -11.83 -8.32 -0.33
CA ARG C 119 -12.80 -8.86 -1.29
C ARG C 119 -12.49 -8.54 -2.75
N PHE C 120 -11.82 -7.41 -3.00
CA PHE C 120 -11.77 -6.81 -4.35
C PHE C 120 -10.35 -6.68 -4.91
N LYS C 121 -9.49 -7.66 -4.59
CA LYS C 121 -8.09 -7.75 -5.06
C LYS C 121 -7.27 -6.46 -4.89
N ASP C 122 -7.45 -5.85 -3.73
CA ASP C 122 -6.77 -4.61 -3.35
C ASP C 122 -7.08 -3.41 -4.27
N HIS C 123 -8.22 -3.46 -4.95
CA HIS C 123 -8.68 -2.34 -5.77
C HIS C 123 -9.74 -1.54 -5.01
N ASP C 124 -10.22 -0.46 -5.62
CA ASP C 124 -11.22 0.39 -5.02
C ASP C 124 -12.62 -0.14 -5.33
N PHE C 125 -13.27 -0.73 -4.33
CA PHE C 125 -14.69 -1.11 -4.42
C PHE C 125 -15.52 0.06 -3.92
N ALA C 126 -16.42 0.54 -4.76
CA ALA C 126 -17.31 1.62 -4.39
C ALA C 126 -18.46 1.05 -3.56
N ALA C 127 -18.35 1.12 -2.23
CA ALA C 127 -19.37 0.57 -1.33
C ALA C 127 -20.64 1.40 -1.40
N ILE C 128 -21.65 0.85 -2.07
CA ILE C 128 -22.91 1.58 -2.33
C ILE C 128 -24.10 0.88 -1.73
N ALA C 129 -25.11 1.69 -1.40
CA ALA C 129 -26.44 1.24 -1.02
C ALA C 129 -27.24 0.88 -2.26
N ASP C 130 -28.30 0.12 -2.07
CA ASP C 130 -29.27 -0.19 -3.13
C ASP C 130 -30.03 1.10 -3.50
N PHE C 131 -30.05 1.42 -4.79
CA PHE C 131 -30.64 2.67 -5.28
C PHE C 131 -32.09 2.86 -4.85
N ASP C 132 -32.90 1.82 -5.02
CA ASP C 132 -34.32 1.91 -4.72
C ASP C 132 -34.52 2.19 -3.27
N MET C 133 -33.73 1.55 -2.42
CA MET C 133 -33.80 1.82 -1.00
C MET C 133 -33.42 3.26 -0.65
N VAL C 134 -32.40 3.81 -1.31
CA VAL C 134 -32.03 5.22 -1.10
C VAL C 134 -33.20 6.14 -1.49
N ARG C 135 -33.75 5.91 -2.68
CA ARG C 135 -34.90 6.68 -3.18
C ARG C 135 -36.10 6.56 -2.22
N ASN C 136 -36.45 5.33 -1.84
CA ASN C 136 -37.51 5.07 -0.86
C ASN C 136 -37.34 5.94 0.38
N ALA C 137 -36.10 5.99 0.89
CA ALA C 137 -35.78 6.76 2.09
C ALA C 137 -35.96 8.28 1.92
N VAL C 138 -35.62 8.77 0.72
CA VAL C 138 -35.74 10.20 0.40
C VAL C 138 -37.19 10.61 0.26
N ASP C 139 -37.99 9.75 -0.38
CA ASP C 139 -39.43 9.98 -0.55
C ASP C 139 -40.21 9.88 0.77
N ALA C 140 -39.81 8.95 1.64
CA ALA C 140 -40.42 8.86 2.97
C ALA C 140 -40.09 10.11 3.81
N ALA C 141 -38.85 10.60 3.70
CA ALA C 141 -38.42 11.83 4.38
C ALA C 141 -39.19 13.07 3.91
N LYS C 142 -39.41 13.19 2.60
CA LYS C 142 -40.19 14.29 2.03
C LYS C 142 -41.64 14.23 2.52
N ALA C 143 -42.24 13.03 2.46
CA ALA C 143 -43.62 12.80 2.89
C ALA C 143 -43.88 13.14 4.36
N LEU C 144 -42.86 12.93 5.20
CA LEU C 144 -42.92 13.31 6.63
C LEU C 144 -42.39 14.72 6.91
N GLY C 145 -42.05 15.48 5.87
CA GLY C 145 -41.54 16.84 6.01
C GLY C 145 -40.27 16.91 6.82
N ILE C 146 -39.35 15.98 6.58
CA ILE C 146 -38.04 15.95 7.25
C ILE C 146 -36.97 16.16 6.18
N ASP C 147 -36.08 17.11 6.45
CA ASP C 147 -34.89 17.35 5.63
C ASP C 147 -33.97 16.12 5.65
N ALA C 148 -33.36 15.78 4.52
CA ALA C 148 -32.49 14.58 4.44
C ALA C 148 -31.39 14.71 3.39
N ARG C 149 -30.14 14.61 3.82
CA ARG C 149 -28.99 14.71 2.88
C ARG C 149 -28.63 13.33 2.32
N VAL C 150 -28.24 13.30 1.04
CA VAL C 150 -27.87 12.06 0.37
C VAL C 150 -26.45 12.19 -0.16
N GLY C 151 -25.59 11.24 0.21
CA GLY C 151 -24.21 11.26 -0.21
C GLY C 151 -23.36 10.18 0.43
N ASN C 152 -22.10 10.53 0.71
CA ASN C 152 -21.14 9.59 1.26
C ASN C 152 -21.06 9.68 2.76
N LEU C 153 -21.04 8.52 3.40
CA LEU C 153 -20.55 8.39 4.75
C LEU C 153 -19.09 7.96 4.71
N PHE C 154 -18.43 8.01 5.87
CA PHE C 154 -17.12 7.43 6.07
C PHE C 154 -17.22 6.46 7.23
N SER C 155 -16.95 5.19 6.95
CA SER C 155 -16.95 4.13 7.95
C SER C 155 -15.53 3.95 8.50
N ALA C 156 -15.31 4.45 9.72
CA ALA C 156 -14.01 4.39 10.38
C ALA C 156 -13.86 3.14 11.23
N ASP C 157 -12.64 2.62 11.28
CA ASP C 157 -12.25 1.56 12.21
C ASP C 157 -11.85 2.12 13.56
N LEU C 158 -11.34 3.35 13.59
CA LEU C 158 -10.92 4.00 14.83
C LEU C 158 -11.75 5.22 15.16
N PHE C 159 -12.71 5.02 16.06
CA PHE C 159 -13.47 6.12 16.70
C PHE C 159 -12.49 7.14 17.26
N TYR C 160 -11.49 6.65 18.00
CA TYR C 160 -10.40 7.47 18.53
C TYR C 160 -9.26 7.40 17.55
N SER C 161 -9.36 8.22 16.53
CA SER C 161 -8.43 8.16 15.41
C SER C 161 -7.16 8.91 15.77
N PRO C 162 -5.98 8.31 15.52
CA PRO C 162 -4.73 9.04 15.70
C PRO C 162 -4.36 9.97 14.54
N ASP C 163 -5.17 10.00 13.47
CA ASP C 163 -4.90 10.81 12.28
C ASP C 163 -5.98 11.89 12.14
N GLY C 164 -5.79 12.99 12.88
CA GLY C 164 -6.67 14.15 12.83
C GLY C 164 -6.80 14.80 11.46
N GLU C 165 -5.70 14.83 10.70
CA GLU C 165 -5.71 15.40 9.34
C GLU C 165 -6.72 14.73 8.43
N MET C 166 -6.95 13.44 8.62
CA MET C 166 -7.89 12.70 7.78
C MET C 166 -9.28 13.32 7.76
N PHE C 167 -9.70 13.93 8.86
CA PHE C 167 -11.01 14.60 8.90
C PHE C 167 -11.09 15.77 7.90
N ASP C 168 -9.98 16.50 7.72
CA ASP C 168 -9.88 17.55 6.69
C ASP C 168 -10.10 16.99 5.29
N VAL C 169 -9.52 15.81 5.05
CA VAL C 169 -9.67 15.11 3.77
C VAL C 169 -11.13 14.67 3.57
N MET C 170 -11.78 14.16 4.61
CA MET C 170 -13.20 13.79 4.54
C MET C 170 -14.03 15.04 4.20
N GLU C 171 -13.73 16.14 4.91
CA GLU C 171 -14.38 17.43 4.69
C GLU C 171 -14.23 17.82 3.25
N LYS C 172 -12.97 17.86 2.78
CA LYS C 172 -12.65 18.23 1.40
C LYS C 172 -13.50 17.45 0.42
N TYR C 173 -13.66 16.16 0.63
CA TYR C 173 -14.35 15.29 -0.33
C TYR C 173 -15.84 15.07 -0.05
N GLY C 174 -16.45 15.88 0.82
CA GLY C 174 -17.91 15.98 0.92
C GLY C 174 -18.58 14.95 1.81
N ILE C 175 -17.84 14.42 2.79
CA ILE C 175 -18.34 13.37 3.66
C ILE C 175 -19.40 13.98 4.58
N LEU C 176 -20.60 13.42 4.51
CA LEU C 176 -21.76 13.92 5.26
C LEU C 176 -21.72 13.48 6.71
N GLY C 177 -21.22 12.27 6.96
CA GLY C 177 -21.12 11.74 8.33
C GLY C 177 -20.06 10.66 8.51
N VAL C 178 -19.44 10.67 9.69
CA VAL C 178 -18.47 9.66 10.09
C VAL C 178 -19.14 8.68 11.02
N GLU C 179 -19.16 7.42 10.63
CA GLU C 179 -19.71 6.36 11.46
C GLU C 179 -18.75 5.17 11.38
N MET C 180 -19.20 3.94 11.65
CA MET C 180 -18.29 2.80 11.78
C MET C 180 -18.80 1.48 11.18
N GLU C 181 -19.66 1.55 10.18
CA GLU C 181 -20.38 0.33 9.74
C GLU C 181 -20.72 0.22 8.26
N ALA C 182 -21.26 1.30 7.69
CA ALA C 182 -21.90 1.28 6.37
C ALA C 182 -21.09 0.57 5.28
N ALA C 183 -19.80 0.87 5.20
CA ALA C 183 -18.94 0.30 4.16
C ALA C 183 -18.84 -1.22 4.29
N GLY C 184 -18.88 -1.71 5.52
CA GLY C 184 -18.93 -3.14 5.77
C GLY C 184 -20.26 -3.80 5.43
N ILE C 185 -21.36 -3.15 5.79
CA ILE C 185 -22.69 -3.68 5.49
C ILE C 185 -22.89 -3.74 3.97
N TYR C 186 -22.47 -2.69 3.26
CA TYR C 186 -22.59 -2.66 1.81
C TYR C 186 -21.70 -3.72 1.14
N GLY C 187 -20.51 -3.97 1.70
CA GLY C 187 -19.65 -5.08 1.24
C GLY C 187 -20.28 -6.46 1.46
N VAL C 188 -20.85 -6.69 2.64
CA VAL C 188 -21.58 -7.93 2.95
C VAL C 188 -22.78 -8.09 2.01
N ALA C 189 -23.60 -7.05 1.88
CA ALA C 189 -24.73 -7.06 0.95
C ALA C 189 -24.34 -7.50 -0.47
N ALA C 190 -23.25 -6.94 -0.99
CA ALA C 190 -22.79 -7.31 -2.32
C ALA C 190 -22.26 -8.75 -2.33
N GLU C 191 -21.45 -9.11 -1.33
CA GLU C 191 -20.85 -10.45 -1.24
C GLU C 191 -21.92 -11.55 -1.20
N PHE C 192 -22.97 -11.34 -0.39
CA PHE C 192 -23.96 -12.39 -0.15
C PHE C 192 -25.29 -12.22 -0.92
N GLY C 193 -25.40 -11.19 -1.74
CA GLY C 193 -26.54 -11.02 -2.66
C GLY C 193 -27.83 -10.58 -2.00
N ALA C 194 -27.73 -9.54 -1.15
CA ALA C 194 -28.87 -8.86 -0.56
C ALA C 194 -28.75 -7.35 -0.83
N LYS C 195 -29.62 -6.56 -0.22
CA LYS C 195 -29.63 -5.10 -0.39
C LYS C 195 -29.51 -4.42 0.96
N ALA C 196 -28.87 -3.25 0.99
CA ALA C 196 -28.72 -2.48 2.23
C ALA C 196 -28.75 -0.97 2.06
N LEU C 197 -29.05 -0.29 3.16
CA LEU C 197 -29.00 1.16 3.23
C LEU C 197 -28.59 1.54 4.65
N THR C 198 -27.78 2.57 4.78
CA THR C 198 -27.42 3.14 6.07
C THR C 198 -27.97 4.55 6.15
N ILE C 199 -28.81 4.77 7.16
CA ILE C 199 -29.33 6.08 7.48
C ILE C 199 -28.74 6.42 8.83
N CYS C 200 -28.29 7.66 8.99
CA CYS C 200 -27.72 8.12 10.25
C CYS C 200 -28.26 9.47 10.66
N THR C 201 -28.14 9.72 11.95
CA THR C 201 -28.53 10.97 12.57
C THR C 201 -27.24 11.61 13.06
N VAL C 202 -27.04 12.89 12.75
CA VAL C 202 -25.81 13.57 13.11
C VAL C 202 -25.82 13.90 14.59
N SER C 203 -25.09 13.13 15.38
CA SER C 203 -25.05 13.31 16.83
C SER C 203 -24.20 14.53 17.17
N ASP C 204 -22.90 14.35 17.26
CA ASP C 204 -21.97 15.44 17.50
C ASP C 204 -21.38 15.94 16.19
N HIS C 205 -20.58 16.98 16.34
CA HIS C 205 -19.71 17.49 15.31
C HIS C 205 -18.30 17.08 15.76
N ILE C 206 -17.50 16.48 14.89
CA ILE C 206 -16.13 16.05 15.27
C ILE C 206 -15.26 17.24 15.71
N ARG C 207 -15.51 18.39 15.10
CA ARG C 207 -14.85 19.66 15.43
C ARG C 207 -15.29 20.23 16.79
N THR C 208 -16.60 20.40 16.96
CA THR C 208 -17.19 21.30 17.98
C THR C 208 -17.21 20.77 19.43
N HIS C 209 -17.21 19.44 19.59
CA HIS C 209 -17.23 18.78 20.92
C HIS C 209 -18.51 19.05 21.74
N GLU C 210 -19.63 18.48 21.27
CA GLU C 210 -20.91 18.48 22.00
C GLU C 210 -21.83 17.38 21.46
N GLN C 211 -22.35 16.52 22.34
CA GLN C 211 -23.15 15.33 21.95
C GLN C 211 -24.66 15.55 22.09
N THR C 212 -25.45 14.59 21.59
CA THR C 212 -26.93 14.63 21.57
C THR C 212 -27.57 15.04 22.92
N THR C 213 -28.47 16.03 22.88
CA THR C 213 -28.86 16.80 24.09
C THR C 213 -30.37 16.79 24.43
N ALA C 214 -30.68 16.43 25.68
CA ALA C 214 -32.03 16.49 26.26
C ALA C 214 -33.05 15.56 25.53
N ALA C 215 -34.29 16.02 25.29
CA ALA C 215 -35.29 15.23 24.56
C ALA C 215 -35.12 15.28 23.03
N GLU C 216 -34.27 16.18 22.52
CA GLU C 216 -34.00 16.29 21.09
C GLU C 216 -33.35 15.03 20.47
N ARG C 217 -32.65 14.22 21.29
CA ARG C 217 -32.16 12.90 20.84
C ARG C 217 -33.35 12.07 20.37
N GLN C 218 -34.37 12.00 21.22
CA GLN C 218 -35.49 11.10 21.02
C GLN C 218 -36.31 11.40 19.77
N THR C 219 -36.71 12.67 19.56
CA THR C 219 -37.50 13.05 18.36
C THR C 219 -36.69 12.84 17.06
N THR C 220 -35.44 13.30 17.05
CA THR C 220 -34.53 13.11 15.92
C THR C 220 -34.24 11.64 15.63
N PHE C 221 -34.00 10.88 16.69
CA PHE C 221 -33.88 9.43 16.59
C PHE C 221 -35.17 8.83 16.02
N ASN C 222 -36.32 9.28 16.53
CA ASN C 222 -37.62 8.80 16.05
C ASN C 222 -37.95 9.20 14.60
N ASP C 223 -37.44 10.35 14.17
CA ASP C 223 -37.58 10.78 12.78
C ASP C 223 -36.89 9.79 11.82
N MET C 224 -35.67 9.39 12.17
CA MET C 224 -34.90 8.40 11.39
C MET C 224 -35.63 7.07 11.30
N ILE C 225 -36.12 6.59 12.44
CA ILE C 225 -36.84 5.31 12.51
C ILE C 225 -38.09 5.38 11.64
N LYS C 226 -38.81 6.49 11.75
CA LYS C 226 -40.03 6.76 10.97
C LYS C 226 -39.73 6.70 9.46
N ILE C 227 -38.67 7.39 9.05
CA ILE C 227 -38.22 7.38 7.65
C ILE C 227 -37.92 5.97 7.18
N ALA C 228 -37.12 5.26 7.97
CA ALA C 228 -36.70 3.92 7.64
C ALA C 228 -37.93 3.01 7.46
N LEU C 229 -38.83 3.04 8.44
CA LEU C 229 -40.04 2.19 8.41
C LEU C 229 -40.99 2.54 7.26
N GLU C 230 -41.23 3.85 7.07
CA GLU C 230 -42.04 4.30 5.94
C GLU C 230 -41.39 3.97 4.61
N SER C 231 -40.05 4.02 4.56
CA SER C 231 -39.29 3.66 3.34
C SER C 231 -39.52 2.21 2.93
N VAL C 232 -39.60 1.32 3.92
CA VAL C 232 -39.89 -0.08 3.63
C VAL C 232 -41.23 -0.20 2.91
N LEU C 233 -42.25 0.52 3.39
CA LEU C 233 -43.62 0.42 2.86
C LEU C 233 -43.69 0.81 1.38
N LEU C 234 -43.03 1.92 1.05
CA LEU C 234 -42.85 2.38 -0.35
C LEU C 234 -42.16 1.35 -1.24
N GLY C 235 -41.14 0.68 -0.69
CA GLY C 235 -40.44 -0.40 -1.39
C GLY C 235 -41.31 -1.61 -1.72
N ASP C 236 -42.32 -1.89 -0.90
CA ASP C 236 -43.26 -2.99 -1.18
C ASP C 236 -44.22 -2.71 -2.34
N LYS C 237 -44.51 -1.43 -2.57
CA LYS C 237 -45.61 -1.00 -3.44
C LYS C 237 -45.08 -0.57 -4.82
O6 7HX D . 21.00 -0.71 13.02
C6 7HX D . 20.87 0.46 13.44
N1 7HX D . 20.01 1.37 12.90
C2 7HX D . 19.91 2.64 13.38
N3 7HX D . 20.68 3.07 14.42
C4 7HX D . 21.57 2.23 15.03
C5 7HX D . 21.72 0.85 14.56
N9 7HX D . 22.46 2.30 16.06
C8 7HX D . 23.14 1.11 16.27
C7 7HX D . 22.71 0.18 15.36
S SO4 E . 25.28 -5.57 14.74
O1 SO4 E . 25.54 -6.94 15.15
O2 SO4 E . 23.96 -5.20 15.24
O3 SO4 E . 26.31 -4.70 15.33
O4 SO4 E . 25.30 -5.50 13.28
O6 7HX F . 1.51 15.79 -15.89
C6 7HX F . 2.09 16.89 -16.08
N1 7HX F . 2.30 17.76 -15.06
C2 7HX F . 2.93 18.94 -15.26
N3 7HX F . 3.40 19.35 -16.47
C4 7HX F . 3.25 18.59 -17.56
C5 7HX F . 2.58 17.28 -17.44
N9 7HX F . 3.58 18.69 -18.87
C8 7HX F . 3.17 17.57 -19.58
C7 7HX F . 2.55 16.69 -18.72
S SO4 G . 2.10 15.37 -25.56
O1 SO4 G . 3.08 15.19 -24.49
O2 SO4 G . 0.76 15.02 -25.04
O3 SO4 G . 2.13 16.77 -25.95
O4 SO4 G . 2.50 14.54 -26.70
O6 7HX H . -19.03 6.58 14.73
C6 7HX H . -18.64 7.73 14.97
N1 7HX H . -17.37 8.14 14.78
C2 7HX H . -16.98 9.42 15.07
N3 7HX H . -17.86 10.33 15.58
C4 7HX H . -19.16 10.00 15.82
C5 7HX H . -19.63 8.65 15.52
N9 7HX H . -20.28 10.62 16.31
C8 7HX H . -21.37 9.77 16.34
C7 7HX H . -21.00 8.54 15.85
S SO4 I . -24.77 3.60 16.27
O1 SO4 I . -23.85 2.64 16.89
O2 SO4 I . -25.91 2.89 15.65
O3 SO4 I . -25.26 4.52 17.31
O4 SO4 I . -24.06 4.35 15.22
#